data_5KE4
#
_entry.id   5KE4
#
_cell.length_a   82.999
_cell.length_b   118.782
_cell.length_c   129.178
_cell.angle_alpha   90.000
_cell.angle_beta   90.000
_cell.angle_gamma   90.000
#
_symmetry.space_group_name_H-M   'P 21 21 21'
#
loop_
_entity.id
_entity.type
_entity.pdbx_description
1 polymer 'Soluble acetylcholine receptor'
2 non-polymer 2-((5-(3,7-Diazabicyclo[3.3.1]nonan-3-yl)pyridin-3-yl)oxy)-N,N-dimethylethanamine
3 water water
#
_entity_poly.entity_id   1
_entity_poly.type   'polypeptide(L)'
_entity_poly.pdbx_seq_one_letter_code
;DYKDDDDKLHSQANLMRLKSDLFNRSPMYPGPTKDDPLTVTLGFTLQDIVKADSSTNEVDLVYWEQQRWKLNSLMWDPNE
YGNITDFRTSAADIWTPDITAYSSTRPVQVLSPQIAVVTHDGSVMFIPAQRLSFMCDPTGVDSEEGATCAVKFGSWVYSG
FEIDLKTDTDQVDLSSYYASSKYEILSATQTKHDIKYNCCEEIYTDVNLVVKFRERRAGNGFFRNLFDSR
;
_entity_poly.pdbx_strand_id   A,B,C,D,E
#
loop_
_chem_comp.id
_chem_comp.type
_chem_comp.name
_chem_comp.formula
6S7 non-polymer 2-((5-(3,7-Diazabicyclo[3.3.1]nonan-3-yl)pyridin-3-yl)oxy)-N,N-dimethylethanamine 'C16 H26 N4 O'
#
# COMPACT_ATOMS: atom_id res chain seq x y z
N ASP A 6 0.56 -39.35 15.42
CA ASP A 6 -0.76 -39.96 15.21
C ASP A 6 -1.83 -39.19 15.97
N ASP A 7 -1.65 -39.11 17.29
CA ASP A 7 -2.54 -38.29 18.11
C ASP A 7 -2.46 -36.81 17.71
N LYS A 8 -1.30 -36.39 17.17
CA LYS A 8 -1.15 -35.00 16.71
C LYS A 8 -2.05 -34.71 15.52
N LEU A 9 -2.27 -35.70 14.64
CA LEU A 9 -3.20 -35.54 13.54
C LEU A 9 -4.64 -35.43 14.04
N HIS A 10 -4.97 -36.16 15.11
CA HIS A 10 -6.30 -36.02 15.70
C HIS A 10 -6.47 -34.65 16.34
N SER A 11 -5.40 -34.11 16.93
CA SER A 11 -5.46 -32.77 17.48
C SER A 11 -5.67 -31.72 16.39
N GLN A 12 -5.02 -31.88 15.24
CA GLN A 12 -5.27 -30.95 14.14
C GLN A 12 -6.70 -31.04 13.66
N ALA A 13 -7.30 -32.23 13.73
CA ALA A 13 -8.69 -32.40 13.28
C ALA A 13 -9.67 -31.76 14.26
N ASN A 14 -9.38 -31.87 15.55
CA ASN A 14 -10.20 -31.20 16.56
C ASN A 14 -10.19 -29.69 16.37
N LEU A 15 -9.01 -29.13 16.10
CA LEU A 15 -8.92 -27.69 15.85
C LEU A 15 -9.74 -27.32 14.62
N MET A 16 -9.62 -28.09 13.54
CA MET A 16 -10.33 -27.75 12.32
C MET A 16 -11.83 -27.90 12.52
N ARG A 17 -12.25 -28.95 13.22
CA ARG A 17 -13.66 -29.11 13.55
C ARG A 17 -14.17 -27.91 14.35
N LEU A 18 -13.39 -27.47 15.34
CA LEU A 18 -13.78 -26.32 16.16
C LEU A 18 -13.94 -25.06 15.31
N LYS A 19 -12.95 -24.76 14.48
CA LYS A 19 -13.00 -23.56 13.67
C LYS A 19 -14.15 -23.61 12.68
N SER A 20 -14.39 -24.80 12.11
CA SER A 20 -15.51 -24.99 11.18
C SER A 20 -16.84 -24.82 11.89
N ASP A 21 -17.05 -25.54 13.00
CA ASP A 21 -18.29 -25.39 13.75
C ASP A 21 -18.53 -23.94 14.12
N LEU A 22 -17.55 -23.31 14.76
CA LEU A 22 -17.73 -21.96 15.28
C LEU A 22 -18.04 -20.98 14.18
N PHE A 23 -17.47 -21.16 12.99
CA PHE A 23 -17.65 -20.16 11.94
C PHE A 23 -18.91 -20.37 11.12
N ASN A 24 -19.70 -21.41 11.39
CA ASN A 24 -21.01 -21.53 10.77
C ASN A 24 -21.99 -20.53 11.38
N TYR A 29 -21.88 -13.60 14.25
CA TYR A 29 -21.96 -12.39 15.06
C TYR A 29 -21.79 -11.11 14.23
N PRO A 30 -22.83 -10.29 14.16
CA PRO A 30 -22.79 -9.06 13.36
C PRO A 30 -22.30 -7.81 14.09
N GLY A 31 -21.73 -7.93 15.29
CA GLY A 31 -21.36 -6.77 16.06
C GLY A 31 -22.42 -6.42 17.09
N PRO A 32 -22.12 -5.46 17.97
CA PRO A 32 -23.02 -5.15 19.07
C PRO A 32 -24.15 -4.21 18.65
N THR A 33 -25.22 -4.23 19.44
CA THR A 33 -26.34 -3.32 19.24
C THR A 33 -26.80 -2.82 20.61
N LYS A 34 -27.81 -1.94 20.61
CA LYS A 34 -28.32 -1.44 21.89
C LYS A 34 -28.95 -2.56 22.71
N ASP A 35 -29.48 -3.58 22.06
CA ASP A 35 -30.12 -4.69 22.76
C ASP A 35 -29.13 -5.79 23.16
N ASP A 36 -27.94 -5.80 22.56
CA ASP A 36 -26.90 -6.80 22.84
C ASP A 36 -25.56 -6.08 22.92
N PRO A 37 -25.39 -5.18 23.92
CA PRO A 37 -24.15 -4.37 23.95
C PRO A 37 -22.94 -5.16 24.39
N LEU A 38 -21.81 -4.50 24.43
CA LEU A 38 -20.55 -5.18 24.60
C LEU A 38 -19.64 -4.24 25.37
N THR A 39 -18.93 -4.77 26.36
CA THR A 39 -17.92 -4.01 27.07
C THR A 39 -16.55 -4.52 26.65
N VAL A 40 -15.74 -3.62 26.11
CA VAL A 40 -14.38 -3.92 25.68
C VAL A 40 -13.42 -3.42 26.74
N THR A 41 -12.55 -4.30 27.21
CA THR A 41 -11.50 -3.90 28.15
C THR A 41 -10.33 -3.37 27.34
N LEU A 42 -9.81 -2.21 27.73
CA LEU A 42 -8.77 -1.50 27.00
C LEU A 42 -7.62 -1.16 27.93
N GLY A 43 -6.40 -1.53 27.52
CA GLY A 43 -5.21 -1.15 28.26
C GLY A 43 -4.06 -0.83 27.32
N PHE A 44 -3.12 -0.04 27.83
CA PHE A 44 -2.03 0.45 27.00
C PHE A 44 -0.68 0.05 27.57
N THR A 45 0.16 -0.56 26.73
CA THR A 45 1.54 -0.91 27.09
C THR A 45 2.46 0.00 26.28
N LEU A 46 2.90 1.08 26.91
CA LEU A 46 3.68 2.12 26.26
C LEU A 46 5.11 1.63 26.05
N GLN A 47 5.56 1.55 24.80
CA GLN A 47 6.89 1.01 24.50
C GLN A 47 7.96 2.07 24.37
N ASP A 48 7.64 3.21 23.75
CA ASP A 48 8.68 4.17 23.41
C ASP A 48 8.02 5.45 22.92
N ILE A 49 8.55 6.58 23.37
CA ILE A 49 8.32 7.86 22.72
C ILE A 49 9.48 8.06 21.77
N VAL A 50 9.21 7.99 20.46
CA VAL A 50 10.29 8.01 19.48
C VAL A 50 10.78 9.43 19.23
N LYS A 51 9.86 10.39 19.22
CA LYS A 51 10.14 11.67 18.61
C LYS A 51 9.12 12.69 19.09
N ALA A 52 9.60 13.86 19.52
CA ALA A 52 8.74 15.00 19.80
C ALA A 52 9.13 16.14 18.86
N ASP A 53 8.17 16.66 18.11
CA ASP A 53 8.39 17.69 17.09
C ASP A 53 7.68 18.97 17.52
N SER A 54 8.45 19.95 18.01
CA SER A 54 7.90 21.23 18.45
C SER A 54 7.63 22.22 17.32
N SER A 55 8.01 21.91 16.08
CA SER A 55 7.66 22.78 14.96
C SER A 55 6.30 22.44 14.36
N THR A 56 5.73 21.27 14.68
CA THR A 56 4.36 20.92 14.30
C THR A 56 3.50 20.48 15.48
N ASN A 57 4.07 20.34 16.67
CA ASN A 57 3.37 19.79 17.83
C ASN A 57 2.71 18.45 17.48
N GLU A 58 3.58 17.55 17.02
CA GLU A 58 3.31 16.12 16.91
C GLU A 58 4.31 15.35 17.77
N VAL A 59 3.85 14.27 18.38
CA VAL A 59 4.71 13.36 19.13
C VAL A 59 4.39 11.94 18.68
N ASP A 60 5.42 11.08 18.62
CA ASP A 60 5.29 9.74 18.08
C ASP A 60 5.49 8.71 19.19
N LEU A 61 4.48 7.88 19.40
CA LEU A 61 4.53 6.78 20.36
C LEU A 61 4.54 5.44 19.64
N VAL A 62 5.25 4.49 20.22
CA VAL A 62 5.02 3.07 19.98
C VAL A 62 4.42 2.49 21.25
N TYR A 63 3.30 1.78 21.12
CA TYR A 63 2.64 1.17 22.27
C TYR A 63 1.93 -0.10 21.82
N TRP A 64 1.51 -0.89 22.80
CA TRP A 64 0.61 -2.02 22.58
C TRP A 64 -0.77 -1.65 23.11
N GLU A 65 -1.79 -1.93 22.32
CA GLU A 65 -3.17 -1.60 22.65
C GLU A 65 -3.90 -2.90 22.94
N GLN A 66 -4.11 -3.20 24.21
CA GLN A 66 -4.72 -4.48 24.55
C GLN A 66 -6.23 -4.33 24.51
N GLN A 67 -6.88 -5.19 23.73
CA GLN A 67 -8.32 -5.17 23.54
C GLN A 67 -8.85 -6.53 23.95
N ARG A 68 -9.94 -6.55 24.70
CA ARG A 68 -10.49 -7.81 25.16
C ARG A 68 -12.00 -7.71 25.25
N TRP A 69 -12.69 -8.70 24.67
CA TRP A 69 -14.14 -8.76 24.75
C TRP A 69 -14.56 -10.22 24.78
N LYS A 70 -15.84 -10.45 25.04
CA LYS A 70 -16.35 -11.80 25.23
C LYS A 70 -17.70 -11.96 24.53
N LEU A 71 -17.82 -13.03 23.74
CA LEU A 71 -19.04 -13.36 23.01
C LEU A 71 -19.47 -14.79 23.34
N ASN A 72 -20.76 -14.96 23.64
CA ASN A 72 -21.29 -16.31 23.85
C ASN A 72 -21.17 -17.14 22.58
N SER A 73 -21.33 -16.53 21.41
CA SER A 73 -21.26 -17.32 20.18
C SER A 73 -19.86 -17.86 19.91
N LEU A 74 -18.85 -17.48 20.69
CA LEU A 74 -17.51 -18.05 20.57
C LEU A 74 -17.15 -18.99 21.72
N MET A 75 -18.12 -19.38 22.54
CA MET A 75 -17.86 -20.33 23.61
C MET A 75 -17.85 -21.76 23.06
N TRP A 76 -17.10 -22.64 23.74
CA TRP A 76 -17.13 -24.06 23.42
C TRP A 76 -16.61 -24.84 24.61
N ASP A 77 -16.96 -26.12 24.63
CA ASP A 77 -16.49 -27.01 25.68
C ASP A 77 -15.22 -27.69 25.21
N PRO A 78 -14.07 -27.48 25.88
CA PRO A 78 -12.86 -28.17 25.45
C PRO A 78 -13.00 -29.68 25.45
N ASN A 79 -13.82 -30.24 26.35
CA ASN A 79 -14.06 -31.68 26.37
C ASN A 79 -14.55 -32.19 25.02
N GLU A 80 -15.34 -31.38 24.31
CA GLU A 80 -15.84 -31.79 23.00
C GLU A 80 -14.77 -31.73 21.91
N TYR A 81 -13.66 -31.03 22.13
CA TYR A 81 -12.72 -30.75 21.05
C TYR A 81 -11.29 -31.04 21.49
N GLY A 82 -11.09 -32.18 22.13
CA GLY A 82 -9.74 -32.62 22.45
C GLY A 82 -9.02 -31.75 23.46
N ASN A 83 -9.76 -31.06 24.32
CA ASN A 83 -9.22 -30.19 25.37
C ASN A 83 -8.56 -28.94 24.79
N ILE A 84 -8.92 -28.53 23.58
CA ILE A 84 -8.42 -27.29 23.03
C ILE A 84 -9.04 -26.12 23.78
N THR A 85 -8.19 -25.21 24.28
CA THR A 85 -8.68 -24.07 25.03
C THR A 85 -8.60 -22.75 24.29
N ASP A 86 -7.75 -22.65 23.26
CA ASP A 86 -7.54 -21.40 22.53
C ASP A 86 -7.32 -21.73 21.06
N PHE A 87 -7.75 -20.83 20.17
CA PHE A 87 -7.30 -20.88 18.79
C PHE A 87 -7.05 -19.47 18.28
N ARG A 88 -6.42 -19.38 17.11
CA ARG A 88 -6.02 -18.13 16.50
C ARG A 88 -6.80 -17.91 15.22
N THR A 89 -7.11 -16.64 14.95
CA THR A 89 -7.83 -16.31 13.74
C THR A 89 -7.41 -14.93 13.26
N SER A 90 -7.29 -14.79 11.95
CA SER A 90 -7.03 -13.49 11.36
C SER A 90 -8.09 -12.51 11.81
N ALA A 91 -7.65 -11.31 12.21
CA ALA A 91 -8.59 -10.35 12.76
C ALA A 91 -9.58 -9.87 11.71
N ALA A 92 -9.32 -10.15 10.43
CA ALA A 92 -10.26 -9.79 9.37
C ALA A 92 -11.44 -10.74 9.30
N ASP A 93 -11.29 -11.97 9.78
CA ASP A 93 -12.35 -12.96 9.73
C ASP A 93 -13.30 -12.90 10.92
N ILE A 94 -13.12 -11.98 11.86
CA ILE A 94 -14.06 -11.82 12.95
C ILE A 94 -14.35 -10.35 13.15
N TRP A 95 -15.43 -10.08 13.86
CA TRP A 95 -15.71 -8.71 14.27
C TRP A 95 -14.66 -8.26 15.28
N THR A 96 -14.15 -7.05 15.11
CA THR A 96 -13.28 -6.44 16.09
C THR A 96 -13.73 -4.99 16.29
N PRO A 97 -13.55 -4.45 17.51
CA PRO A 97 -14.01 -3.07 17.77
C PRO A 97 -13.20 -2.05 17.00
N ASP A 98 -13.85 -0.93 16.64
CA ASP A 98 -13.24 0.15 15.86
C ASP A 98 -12.57 1.20 16.75
N ILE A 99 -11.71 0.77 17.68
CA ILE A 99 -11.05 1.72 18.57
C ILE A 99 -10.13 2.64 17.79
N THR A 100 -10.24 3.93 18.03
CA THR A 100 -9.56 4.95 17.23
C THR A 100 -9.01 6.03 18.15
N ALA A 101 -7.78 6.47 17.89
CA ALA A 101 -7.28 7.68 18.55
C ALA A 101 -8.00 8.89 17.96
N TYR A 102 -8.32 9.85 18.82
CA TYR A 102 -9.17 10.97 18.44
C TYR A 102 -8.37 12.21 18.02
N SER A 103 -7.06 12.16 18.05
CA SER A 103 -6.29 13.33 17.66
C SER A 103 -4.98 12.93 17.01
N SER A 104 -4.96 11.79 16.32
CA SER A 104 -3.80 11.41 15.54
C SER A 104 -3.67 12.35 14.36
N THR A 105 -2.45 12.48 13.86
CA THR A 105 -2.19 13.36 12.75
C THR A 105 -1.71 12.61 11.52
N ARG A 106 -1.49 11.32 11.64
CA ARG A 106 -1.16 10.44 10.53
CA ARG A 106 -1.11 10.43 10.56
C ARG A 106 -1.86 9.12 10.75
N PRO A 107 -2.05 8.33 9.70
CA PRO A 107 -2.63 7.00 9.89
C PRO A 107 -1.77 6.18 10.84
N VAL A 108 -2.44 5.49 11.77
CA VAL A 108 -1.69 4.65 12.71
C VAL A 108 -0.97 3.57 11.91
N GLN A 109 0.25 3.28 12.31
CA GLN A 109 1.04 2.26 11.63
C GLN A 109 1.05 0.99 12.48
N VAL A 110 0.72 -0.14 11.85
CA VAL A 110 0.55 -1.43 12.52
C VAL A 110 1.87 -2.19 12.43
N LEU A 111 2.34 -2.66 13.59
CA LEU A 111 3.65 -3.28 13.75
C LEU A 111 3.60 -4.77 14.05
N SER A 112 2.45 -5.34 14.37
CA SER A 112 2.35 -6.74 14.72
C SER A 112 1.32 -7.42 13.85
N PRO A 113 1.36 -8.76 13.76
CA PRO A 113 0.40 -9.47 12.89
C PRO A 113 -1.04 -9.28 13.35
N GLN A 114 -1.94 -9.15 12.38
CA GLN A 114 -3.36 -8.88 12.65
C GLN A 114 -4.12 -10.18 12.90
N ILE A 115 -3.73 -10.83 14.00
CA ILE A 115 -4.27 -12.11 14.42
C ILE A 115 -4.80 -11.95 15.84
N ALA A 116 -6.02 -12.42 16.07
CA ALA A 116 -6.61 -12.41 17.41
C ALA A 116 -6.62 -13.82 18.01
N VAL A 117 -6.82 -13.89 19.32
CA VAL A 117 -6.86 -15.16 20.05
C VAL A 117 -8.21 -15.32 20.72
N VAL A 118 -8.84 -16.47 20.51
CA VAL A 118 -10.14 -16.80 21.09
C VAL A 118 -9.96 -17.92 22.09
N THR A 119 -10.53 -17.74 23.29
CA THR A 119 -10.48 -18.72 24.36
C THR A 119 -11.85 -19.39 24.52
N HIS A 120 -11.87 -20.60 25.09
CA HIS A 120 -13.09 -21.42 25.12
C HIS A 120 -14.23 -20.76 25.88
N ASP A 121 -13.92 -19.93 26.87
CA ASP A 121 -14.96 -19.13 27.52
C ASP A 121 -15.50 -18.01 26.62
N GLY A 122 -15.08 -17.94 25.35
CA GLY A 122 -15.62 -16.98 24.42
C GLY A 122 -14.94 -15.63 24.43
N SER A 123 -13.89 -15.46 25.23
CA SER A 123 -13.18 -14.19 25.28
C SER A 123 -12.24 -14.09 24.09
N VAL A 124 -12.13 -12.88 23.55
CA VAL A 124 -11.28 -12.58 22.41
C VAL A 124 -10.25 -11.57 22.88
N MET A 125 -8.98 -11.83 22.57
CA MET A 125 -7.92 -10.89 22.89
C MET A 125 -7.20 -10.51 21.60
N PHE A 126 -7.16 -9.21 21.31
CA PHE A 126 -6.48 -8.66 20.14
C PHE A 126 -5.62 -7.49 20.62
N ILE A 127 -4.32 -7.57 20.37
CA ILE A 127 -3.38 -6.61 20.97
C ILE A 127 -2.41 -6.08 19.93
N PRO A 128 -2.84 -5.16 19.06
CA PRO A 128 -1.92 -4.63 18.04
C PRO A 128 -0.88 -3.69 18.63
N ALA A 129 0.39 -3.93 18.25
CA ALA A 129 1.45 -2.95 18.46
C ALA A 129 1.35 -1.88 17.36
N GLN A 130 1.38 -0.61 17.75
CA GLN A 130 1.14 0.47 16.79
C GLN A 130 2.06 1.66 17.02
N ARG A 131 2.38 2.38 15.95
CA ARG A 131 3.09 3.65 16.05
C ARG A 131 2.15 4.80 15.71
N LEU A 132 2.00 5.74 16.64
CA LEU A 132 1.01 6.79 16.52
C LEU A 132 1.68 8.15 16.59
N SER A 133 1.32 9.03 15.67
CA SER A 133 1.62 10.46 15.74
C SER A 133 0.36 11.19 16.18
N PHE A 134 0.45 11.97 17.25
CA PHE A 134 -0.72 12.68 17.74
C PHE A 134 -0.36 14.09 18.18
N MET A 135 -1.40 14.89 18.38
CA MET A 135 -1.25 16.32 18.64
C MET A 135 -0.72 16.51 20.05
N CYS A 136 0.48 17.06 20.16
CA CYS A 136 1.11 17.23 21.47
C CYS A 136 2.12 18.36 21.40
N ASP A 137 1.97 19.34 22.28
CA ASP A 137 2.96 20.40 22.43
C ASP A 137 4.04 19.94 23.39
N PRO A 138 5.25 19.68 22.93
CA PRO A 138 6.30 19.17 23.84
C PRO A 138 7.02 20.25 24.65
N THR A 139 6.52 21.49 24.68
CA THR A 139 7.13 22.56 25.48
C THR A 139 7.30 22.12 26.92
N GLY A 140 8.52 22.29 27.45
CA GLY A 140 8.82 21.91 28.81
C GLY A 140 9.54 20.59 28.95
N VAL A 141 9.69 19.85 27.85
CA VAL A 141 10.24 18.49 27.91
C VAL A 141 11.72 18.51 28.32
N ASP A 142 12.42 19.61 28.07
CA ASP A 142 13.79 19.79 28.53
C ASP A 142 13.87 20.49 29.89
N SER A 143 12.87 20.31 30.75
CA SER A 143 12.90 20.82 32.12
C SER A 143 12.55 19.67 33.05
N GLU A 144 12.68 19.92 34.34
CA GLU A 144 12.45 18.88 35.35
C GLU A 144 10.99 18.45 35.40
N GLU A 145 10.06 19.38 35.14
CA GLU A 145 8.64 19.05 35.14
C GLU A 145 8.23 18.27 33.90
N GLY A 146 9.01 18.35 32.82
CA GLY A 146 8.64 17.65 31.61
C GLY A 146 7.41 18.27 30.96
N ALA A 147 6.93 17.59 29.93
CA ALA A 147 5.72 18.00 29.22
C ALA A 147 4.59 17.03 29.51
N THR A 148 3.36 17.52 29.42
CA THR A 148 2.20 16.66 29.56
C THR A 148 1.38 16.69 28.28
N CYS A 149 0.98 15.52 27.79
CA CYS A 149 0.15 15.41 26.61
C CYS A 149 -0.88 14.30 26.81
N ALA A 150 -1.92 14.35 25.99
CA ALA A 150 -3.03 13.40 26.10
C ALA A 150 -3.57 13.07 24.72
N VAL A 151 -4.13 11.88 24.61
CA VAL A 151 -4.78 11.39 23.40
C VAL A 151 -5.76 10.32 23.85
N LYS A 152 -7.00 10.41 23.37
CA LYS A 152 -8.03 9.51 23.86
C LYS A 152 -8.41 8.52 22.76
N PHE A 153 -8.82 7.34 23.21
CA PHE A 153 -9.13 6.22 22.34
C PHE A 153 -10.56 5.77 22.59
N GLY A 154 -11.35 5.65 21.52
CA GLY A 154 -12.68 5.10 21.65
C GLY A 154 -13.19 4.65 20.28
N SER A 155 -14.36 4.03 20.30
CA SER A 155 -15.04 3.69 19.05
C SER A 155 -15.30 4.94 18.23
N TRP A 156 -15.26 4.79 16.91
CA TRP A 156 -15.59 5.93 16.07
C TRP A 156 -17.10 6.04 15.85
N VAL A 157 -17.78 4.91 15.66
CA VAL A 157 -19.15 4.87 15.14
C VAL A 157 -20.13 4.20 16.09
N TYR A 158 -19.69 3.69 17.24
CA TYR A 158 -20.57 3.03 18.19
C TYR A 158 -20.62 3.87 19.46
N SER A 159 -21.84 4.14 19.92
CA SER A 159 -22.05 4.89 21.16
C SER A 159 -21.78 4.01 22.39
N GLY A 160 -21.73 4.67 23.56
CA GLY A 160 -21.50 3.96 24.80
C GLY A 160 -22.47 2.83 25.07
N PHE A 161 -23.67 2.90 24.49
CA PHE A 161 -24.67 1.85 24.70
C PHE A 161 -24.52 0.67 23.76
N GLU A 162 -23.66 0.77 22.75
CA GLU A 162 -23.32 -0.40 21.93
C GLU A 162 -21.94 -0.95 22.25
N ILE A 163 -20.95 -0.09 22.42
CA ILE A 163 -19.63 -0.48 22.90
C ILE A 163 -19.31 0.39 24.11
N ASP A 164 -19.22 -0.22 25.29
CA ASP A 164 -18.68 0.47 26.45
C ASP A 164 -17.25 0.03 26.66
N LEU A 165 -16.48 0.86 27.33
CA LEU A 165 -15.11 0.52 27.66
C LEU A 165 -14.91 0.50 29.17
N LYS A 166 -13.92 -0.27 29.62
CA LYS A 166 -13.40 -0.09 30.97
C LYS A 166 -11.91 -0.37 30.94
N THR A 167 -11.22 0.00 32.00
CA THR A 167 -9.83 -0.43 32.18
C THR A 167 -9.72 -1.30 33.41
N ASP A 168 -8.75 -2.22 33.39
CA ASP A 168 -8.44 -3.00 34.58
C ASP A 168 -7.71 -2.18 35.62
N THR A 169 -7.04 -1.13 35.18
CA THR A 169 -6.24 -0.26 36.04
C THR A 169 -6.16 1.09 35.36
N ASP A 170 -5.93 2.12 36.16
CA ASP A 170 -5.71 3.45 35.60
C ASP A 170 -4.23 3.73 35.34
N GLN A 171 -3.33 2.85 35.76
CA GLN A 171 -1.92 3.00 35.45
C GLN A 171 -1.61 2.31 34.13
N VAL A 172 -0.94 3.03 33.24
CA VAL A 172 -0.43 2.44 32.01
C VAL A 172 0.68 1.46 32.33
N ASP A 173 0.71 0.35 31.61
CA ASP A 173 1.81 -0.60 31.76
C ASP A 173 3.09 0.00 31.19
N LEU A 174 4.07 0.25 32.06
CA LEU A 174 5.36 0.82 31.72
C LEU A 174 6.49 -0.20 31.83
N SER A 175 6.16 -1.49 31.92
CA SER A 175 7.17 -2.52 32.19
C SER A 175 7.97 -2.90 30.95
N SER A 176 7.49 -2.57 29.77
CA SER A 176 8.20 -2.80 28.52
C SER A 176 8.76 -1.50 27.94
N TYR A 177 8.80 -0.41 28.72
CA TYR A 177 9.22 0.85 28.17
C TYR A 177 10.72 0.82 27.91
N TYR A 178 11.10 1.26 26.73
CA TYR A 178 12.49 1.23 26.30
C TYR A 178 13.35 2.09 27.22
N ALA A 179 14.29 1.45 27.92
CA ALA A 179 15.08 2.10 28.95
C ALA A 179 16.12 3.07 28.40
N SER A 180 16.38 3.04 27.10
CA SER A 180 17.31 3.98 26.47
C SER A 180 16.61 4.92 25.51
N SER A 181 15.29 5.04 25.63
CA SER A 181 14.54 6.01 24.83
C SER A 181 15.16 7.39 24.99
N LYS A 182 14.90 8.30 24.04
CA LYS A 182 15.29 9.69 24.31
C LYS A 182 14.42 10.32 25.38
N TYR A 183 13.31 9.69 25.75
CA TYR A 183 12.39 10.29 26.69
C TYR A 183 12.05 9.28 27.78
N GLU A 184 12.03 9.77 29.02
CA GLU A 184 11.63 8.94 30.16
C GLU A 184 10.23 9.36 30.58
N ILE A 185 9.46 8.39 31.04
CA ILE A 185 8.08 8.63 31.44
C ILE A 185 8.06 8.98 32.92
N LEU A 186 7.46 10.12 33.24
CA LEU A 186 7.25 10.47 34.64
C LEU A 186 5.92 9.96 35.16
N SER A 187 4.91 9.80 34.31
CA SER A 187 3.65 9.15 34.69
C SER A 187 2.82 8.95 33.44
N ALA A 188 1.94 7.97 33.49
CA ALA A 188 1.09 7.65 32.35
C ALA A 188 -0.15 6.97 32.87
N THR A 189 -1.30 7.63 32.73
CA THR A 189 -2.57 7.14 33.21
C THR A 189 -3.53 6.93 32.04
N GLN A 190 -4.50 6.04 32.26
CA GLN A 190 -5.55 5.76 31.28
C GLN A 190 -6.86 5.75 32.04
N THR A 191 -7.79 6.58 31.62
CA THR A 191 -9.00 6.86 32.39
C THR A 191 -10.21 6.95 31.47
N LYS A 192 -11.24 6.17 31.78
CA LYS A 192 -12.46 6.15 30.99
C LYS A 192 -13.29 7.43 31.22
N HIS A 193 -13.90 7.93 30.14
CA HIS A 193 -14.84 9.06 30.21
C HIS A 193 -16.01 8.83 29.27
N ASP A 194 -17.09 9.59 29.49
CA ASP A 194 -18.29 9.57 28.64
C ASP A 194 -18.54 10.97 28.10
N ILE A 195 -18.76 11.09 26.77
CA ILE A 195 -18.77 12.39 26.11
C ILE A 195 -19.79 12.42 24.95
N LYS A 196 -20.37 13.60 24.74
CA LYS A 196 -21.25 13.90 23.63
C LYS A 196 -20.52 14.78 22.61
N TYR A 197 -20.93 14.66 21.33
CA TYR A 197 -20.40 15.43 20.22
C TYR A 197 -21.54 16.19 19.53
N ASN A 198 -21.16 17.24 18.79
CA ASN A 198 -22.15 18.16 18.23
C ASN A 198 -22.95 17.53 17.12
N CYS A 199 -22.39 16.53 16.43
CA CYS A 199 -23.09 15.89 15.33
C CYS A 199 -24.29 15.08 15.81
N CYS A 200 -24.22 14.57 17.03
CA CYS A 200 -24.88 13.32 17.36
C CYS A 200 -25.51 13.37 18.75
N GLU A 201 -26.70 12.78 18.86
CA GLU A 201 -27.42 12.73 20.13
C GLU A 201 -26.72 11.83 21.15
N GLU A 202 -26.09 10.76 20.70
CA GLU A 202 -25.65 9.65 21.54
C GLU A 202 -24.40 9.98 22.31
N ILE A 203 -24.18 9.18 23.34
CA ILE A 203 -23.06 9.34 24.25
C ILE A 203 -21.96 8.36 23.84
N TYR A 204 -20.76 8.88 23.62
CA TYR A 204 -19.62 8.06 23.28
C TYR A 204 -18.73 7.85 24.50
N THR A 205 -17.90 6.82 24.43
CA THR A 205 -16.99 6.49 25.51
C THR A 205 -15.57 6.38 24.96
N ASP A 206 -14.60 6.85 25.74
CA ASP A 206 -13.21 6.79 25.34
C ASP A 206 -12.35 6.60 26.59
N VAL A 207 -11.13 6.12 26.38
CA VAL A 207 -10.12 6.05 27.43
C VAL A 207 -9.05 7.07 27.08
N ASN A 208 -8.90 8.08 27.93
CA ASN A 208 -7.95 9.16 27.73
C ASN A 208 -6.59 8.76 28.29
N LEU A 209 -5.56 8.80 27.46
CA LEU A 209 -4.23 8.42 27.90
C LEU A 209 -3.45 9.70 28.13
N VAL A 210 -2.96 9.89 29.35
CA VAL A 210 -2.28 11.12 29.76
C VAL A 210 -0.84 10.76 30.13
N VAL A 211 0.12 11.41 29.47
CA VAL A 211 1.52 11.04 29.58
C VAL A 211 2.37 12.28 29.91
N LYS A 212 3.09 12.22 31.03
CA LYS A 212 4.09 13.24 31.41
C LYS A 212 5.47 12.66 31.17
N PHE A 213 6.27 13.34 30.35
CA PHE A 213 7.53 12.80 29.88
C PHE A 213 8.56 13.93 29.82
N ARG A 214 9.83 13.55 29.84
CA ARG A 214 10.86 14.56 29.67
C ARG A 214 12.09 13.92 29.03
N GLU A 215 12.98 14.79 28.56
CA GLU A 215 14.23 14.31 27.98
C GLU A 215 15.05 13.57 29.02
N ARG A 216 15.75 12.53 28.57
CA ARG A 216 16.41 11.56 29.43
C ARG A 216 17.57 12.22 30.20
N ASP B 1 13.82 -36.89 -28.97
CA ASP B 1 13.55 -35.50 -28.66
C ASP B 1 12.04 -35.29 -28.53
N TYR B 2 11.23 -35.91 -29.40
CA TYR B 2 9.82 -36.05 -29.06
C TYR B 2 9.67 -36.63 -27.65
N LYS B 3 10.53 -37.58 -27.28
CA LYS B 3 10.55 -38.06 -25.91
C LYS B 3 10.95 -36.95 -24.94
N ASP B 4 11.97 -36.17 -25.31
CA ASP B 4 12.41 -35.06 -24.46
C ASP B 4 11.29 -34.06 -24.24
N ASP B 5 10.49 -33.80 -25.27
CA ASP B 5 9.41 -32.83 -25.18
C ASP B 5 8.38 -33.26 -24.15
N ASP B 6 7.81 -34.46 -24.32
CA ASP B 6 6.75 -34.85 -23.40
C ASP B 6 7.30 -35.35 -22.07
N ASP B 7 8.62 -35.51 -21.95
CA ASP B 7 9.22 -35.60 -20.62
C ASP B 7 8.96 -34.31 -19.86
N LYS B 8 9.18 -33.17 -20.52
CA LYS B 8 8.89 -31.87 -19.94
C LYS B 8 7.40 -31.72 -19.66
N LEU B 9 6.56 -32.15 -20.61
CA LEU B 9 5.12 -32.10 -20.38
C LEU B 9 4.75 -32.87 -19.13
N HIS B 10 5.37 -34.03 -18.92
CA HIS B 10 4.97 -34.84 -17.78
C HIS B 10 5.52 -34.28 -16.48
N SER B 11 6.65 -33.57 -16.54
CA SER B 11 7.18 -32.90 -15.36
C SER B 11 6.21 -31.85 -14.84
N GLN B 12 5.72 -30.97 -15.73
CA GLN B 12 4.71 -29.99 -15.33
C GLN B 12 3.47 -30.69 -14.78
N ALA B 13 3.04 -31.78 -15.43
CA ALA B 13 1.86 -32.50 -14.96
C ALA B 13 2.09 -33.09 -13.58
N ASN B 14 3.29 -33.62 -13.33
CA ASN B 14 3.58 -34.16 -12.01
C ASN B 14 3.57 -33.06 -10.95
N LEU B 15 4.11 -31.89 -11.28
CA LEU B 15 4.14 -30.80 -10.31
C LEU B 15 2.74 -30.34 -9.94
N MET B 16 1.87 -30.21 -10.94
CA MET B 16 0.49 -29.80 -10.68
C MET B 16 -0.28 -30.86 -9.93
N ARG B 17 -0.06 -32.13 -10.28
CA ARG B 17 -0.68 -33.22 -9.54
C ARG B 17 -0.29 -33.16 -8.07
N LEU B 18 1.02 -33.07 -7.79
CA LEU B 18 1.50 -33.01 -6.41
C LEU B 18 0.90 -31.83 -5.67
N LYS B 19 0.85 -30.66 -6.32
CA LYS B 19 0.25 -29.50 -5.65
C LYS B 19 -1.25 -29.70 -5.46
N SER B 20 -1.93 -30.23 -6.46
CA SER B 20 -3.36 -30.52 -6.30
C SER B 20 -3.58 -31.51 -5.17
N ASP B 21 -2.75 -32.56 -5.10
CA ASP B 21 -2.89 -33.53 -4.02
C ASP B 21 -2.72 -32.86 -2.66
N LEU B 22 -1.66 -32.05 -2.50
CA LEU B 22 -1.34 -31.49 -1.18
C LEU B 22 -2.37 -30.44 -0.75
N PHE B 23 -2.82 -29.58 -1.66
CA PHE B 23 -3.74 -28.50 -1.34
C PHE B 23 -5.22 -28.89 -1.48
N ASN B 24 -5.53 -30.01 -2.13
CA ASN B 24 -6.91 -30.51 -2.30
C ASN B 24 -6.99 -32.04 -2.11
N TYR B 29 -3.08 -28.29 7.00
CA TYR B 29 -2.48 -27.96 8.32
C TYR B 29 -3.00 -26.61 8.82
N PRO B 30 -3.61 -26.62 10.01
CA PRO B 30 -4.30 -25.43 10.51
C PRO B 30 -3.54 -24.66 11.58
N GLY B 31 -2.26 -24.96 11.79
CA GLY B 31 -1.48 -24.31 12.82
C GLY B 31 -1.24 -25.21 14.02
N PRO B 32 -0.31 -24.81 14.89
CA PRO B 32 0.04 -25.62 16.05
C PRO B 32 -0.92 -25.41 17.23
N THR B 33 -0.86 -26.35 18.16
CA THR B 33 -1.69 -26.36 19.37
C THR B 33 -0.85 -26.86 20.54
N LYS B 34 -1.40 -26.73 21.76
CA LYS B 34 -0.72 -27.23 22.95
C LYS B 34 -0.42 -28.72 22.84
N ASP B 35 -1.36 -29.49 22.30
CA ASP B 35 -1.16 -30.93 22.13
C ASP B 35 -0.23 -31.24 20.97
N ASP B 36 -0.21 -30.38 19.94
CA ASP B 36 0.52 -30.65 18.70
C ASP B 36 1.46 -29.46 18.39
N PRO B 37 2.39 -29.17 19.30
CA PRO B 37 3.23 -27.98 19.12
C PRO B 37 4.11 -28.11 17.89
N LEU B 38 4.64 -26.98 17.45
CA LEU B 38 5.47 -26.90 16.25
C LEU B 38 6.80 -26.26 16.61
N THR B 39 7.90 -26.88 16.20
CA THR B 39 9.22 -26.32 16.41
C THR B 39 9.63 -25.53 15.16
N VAL B 40 9.96 -24.26 15.35
CA VAL B 40 10.39 -23.38 14.28
C VAL B 40 11.86 -23.05 14.53
N THR B 41 12.70 -23.26 13.51
CA THR B 41 14.11 -22.90 13.61
C THR B 41 14.34 -21.54 12.93
N LEU B 42 15.04 -20.66 13.66
CA LEU B 42 15.14 -19.26 13.32
C LEU B 42 16.61 -18.88 13.28
N GLY B 43 17.01 -18.18 12.22
CA GLY B 43 18.37 -17.71 12.10
C GLY B 43 18.47 -16.51 11.18
N PHE B 44 19.43 -15.63 11.47
CA PHE B 44 19.54 -14.35 10.79
C PHE B 44 20.87 -14.26 10.07
N THR B 45 20.84 -13.64 8.91
CA THR B 45 22.03 -13.22 8.19
C THR B 45 21.94 -11.71 8.11
N LEU B 46 22.95 -11.02 8.62
CA LEU B 46 22.92 -9.57 8.64
C LEU B 46 23.60 -9.04 7.38
N GLN B 47 22.87 -8.24 6.61
CA GLN B 47 23.39 -7.70 5.36
C GLN B 47 23.97 -6.31 5.50
N ASP B 48 23.37 -5.46 6.31
CA ASP B 48 23.79 -4.07 6.34
C ASP B 48 23.13 -3.38 7.52
N ILE B 49 23.92 -2.59 8.24
CA ILE B 49 23.37 -1.57 9.09
C ILE B 49 23.36 -0.31 8.24
N VAL B 50 22.16 0.17 7.90
CA VAL B 50 22.04 1.22 6.91
C VAL B 50 22.24 2.59 7.54
N LYS B 51 21.79 2.75 8.79
CA LYS B 51 21.60 4.08 9.34
C LYS B 51 21.42 3.96 10.84
N ALA B 52 22.10 4.83 11.57
CA ALA B 52 21.89 4.96 13.01
C ALA B 52 21.55 6.41 13.30
N ASP B 53 20.39 6.63 13.91
CA ASP B 53 19.81 7.97 14.14
C ASP B 53 19.81 8.20 15.65
N SER B 54 20.75 9.04 16.11
CA SER B 54 20.89 9.34 17.52
C SER B 54 19.88 10.38 18.00
N SER B 55 19.15 11.03 17.10
CA SER B 55 18.14 11.98 17.55
C SER B 55 16.83 11.29 17.90
N THR B 56 16.56 10.12 17.33
CA THR B 56 15.38 9.35 17.68
C THR B 56 15.70 8.03 18.35
N ASN B 57 16.97 7.65 18.44
CA ASN B 57 17.40 6.33 18.89
C ASN B 57 16.67 5.22 18.12
N GLU B 58 16.75 5.33 16.79
CA GLU B 58 16.34 4.29 15.84
C GLU B 58 17.52 3.88 14.97
N VAL B 59 17.64 2.57 14.68
CA VAL B 59 18.67 2.05 13.80
C VAL B 59 18.01 1.15 12.76
N ASP B 60 18.54 1.16 11.54
CA ASP B 60 17.95 0.47 10.40
C ASP B 60 18.84 -0.66 9.93
N LEU B 61 18.27 -1.85 9.79
CA LEU B 61 18.99 -3.05 9.42
C LEU B 61 18.39 -3.67 8.17
N VAL B 62 19.25 -4.28 7.35
CA VAL B 62 18.83 -5.16 6.28
C VAL B 62 19.38 -6.53 6.60
N TYR B 63 18.50 -7.53 6.73
CA TYR B 63 18.88 -8.89 7.09
C TYR B 63 17.97 -9.90 6.38
N TRP B 64 18.41 -11.16 6.39
CA TRP B 64 17.61 -12.30 5.95
C TRP B 64 17.19 -13.06 7.20
N GLU B 65 15.93 -13.42 7.26
CA GLU B 65 15.37 -14.11 8.41
C GLU B 65 15.02 -15.52 7.95
N GLN B 66 15.78 -16.50 8.37
CA GLN B 66 15.55 -17.86 7.92
C GLN B 66 14.63 -18.56 8.90
N GLN B 67 13.48 -19.01 8.40
CA GLN B 67 12.50 -19.75 9.17
C GLN B 67 12.39 -21.15 8.58
N ARG B 68 12.46 -22.17 9.44
CA ARG B 68 12.32 -23.54 8.97
C ARG B 68 11.43 -24.33 9.93
N TRP B 69 10.55 -25.16 9.35
CA TRP B 69 9.70 -26.07 10.09
C TRP B 69 9.36 -27.26 9.17
N LYS B 70 8.82 -28.34 9.78
CA LYS B 70 8.52 -29.59 9.07
C LYS B 70 7.14 -30.10 9.44
N LEU B 71 6.35 -30.46 8.43
CA LEU B 71 5.00 -30.96 8.64
C LEU B 71 4.82 -32.31 7.96
N ASN B 72 4.21 -33.26 8.69
CA ASN B 72 3.87 -34.54 8.07
C ASN B 72 2.89 -34.38 6.92
N SER B 73 2.02 -33.37 6.97
CA SER B 73 1.03 -33.18 5.92
C SER B 73 1.64 -32.59 4.65
N LEU B 74 2.90 -32.22 4.67
CA LEU B 74 3.58 -31.73 3.48
C LEU B 74 4.55 -32.75 2.90
N MET B 75 4.62 -33.96 3.49
CA MET B 75 5.50 -35.00 2.97
C MET B 75 4.92 -35.68 1.72
N TRP B 76 5.81 -36.14 0.86
CA TRP B 76 5.43 -37.00 -0.26
C TRP B 76 6.62 -37.84 -0.67
N ASP B 77 6.33 -38.89 -1.43
CA ASP B 77 7.35 -39.74 -2.01
C ASP B 77 7.64 -39.25 -3.42
N PRO B 78 8.88 -38.83 -3.73
CA PRO B 78 9.17 -38.38 -5.10
C PRO B 78 8.85 -39.43 -6.17
N ASN B 79 9.08 -40.71 -5.88
CA ASN B 79 8.81 -41.76 -6.86
C ASN B 79 7.40 -41.68 -7.40
N GLU B 80 6.45 -41.22 -6.59
CA GLU B 80 5.07 -41.12 -7.04
C GLU B 80 4.81 -39.85 -7.82
N TYR B 81 5.80 -38.96 -7.96
CA TYR B 81 5.58 -37.63 -8.52
C TYR B 81 6.73 -37.21 -9.44
N GLY B 82 7.19 -38.14 -10.27
CA GLY B 82 8.24 -37.83 -11.24
C GLY B 82 9.54 -37.36 -10.62
N ASN B 83 9.86 -37.83 -9.42
CA ASN B 83 11.13 -37.51 -8.75
C ASN B 83 11.24 -36.05 -8.33
N ILE B 84 10.11 -35.34 -8.22
CA ILE B 84 10.10 -33.98 -7.71
C ILE B 84 10.40 -33.97 -6.22
N THR B 85 11.43 -33.22 -5.82
CA THR B 85 11.82 -33.11 -4.42
C THR B 85 11.48 -31.77 -3.78
N ASP B 86 11.14 -30.76 -4.57
CA ASP B 86 10.82 -29.43 -4.04
C ASP B 86 9.69 -28.84 -4.86
N PHE B 87 8.98 -27.89 -4.25
CA PHE B 87 8.15 -26.98 -5.02
C PHE B 87 8.04 -25.65 -4.29
N ARG B 88 7.66 -24.61 -5.04
CA ARG B 88 7.44 -23.27 -4.51
C ARG B 88 5.96 -23.00 -4.35
N THR B 89 5.61 -22.30 -3.30
CA THR B 89 4.24 -21.87 -3.04
C THR B 89 4.27 -20.47 -2.46
N SER B 90 3.31 -19.64 -2.86
CA SER B 90 3.08 -18.39 -2.17
C SER B 90 2.94 -18.64 -0.68
N ALA B 91 3.64 -17.81 0.12
CA ALA B 91 3.53 -17.91 1.58
C ALA B 91 2.12 -17.64 2.08
N ALA B 92 1.22 -17.16 1.22
CA ALA B 92 -0.16 -16.93 1.66
C ALA B 92 -1.01 -18.18 1.56
N ASP B 93 -0.56 -19.19 0.79
CA ASP B 93 -1.31 -20.42 0.57
C ASP B 93 -1.07 -21.47 1.66
N ILE B 94 -0.06 -21.29 2.50
CA ILE B 94 0.22 -22.24 3.57
C ILE B 94 0.27 -21.47 4.87
N TRP B 95 0.12 -22.20 5.97
CA TRP B 95 0.36 -21.62 7.27
C TRP B 95 1.84 -21.26 7.38
N THR B 96 2.12 -20.11 8.00
CA THR B 96 3.48 -19.67 8.29
C THR B 96 3.51 -19.06 9.69
N PRO B 97 4.63 -19.12 10.39
CA PRO B 97 4.69 -18.56 11.73
C PRO B 97 4.68 -17.04 11.67
N ASP B 98 4.03 -16.43 12.66
CA ASP B 98 3.91 -14.97 12.75
C ASP B 98 5.09 -14.33 13.49
N ILE B 99 6.31 -14.75 13.17
CA ILE B 99 7.53 -14.20 13.75
C ILE B 99 7.55 -12.69 13.58
N THR B 100 7.60 -11.96 14.70
CA THR B 100 7.51 -10.51 14.74
C THR B 100 8.71 -9.94 15.48
N ALA B 101 9.18 -8.77 15.08
CA ALA B 101 10.18 -8.04 15.85
C ALA B 101 9.48 -7.27 16.95
N TYR B 102 10.04 -7.31 18.16
CA TYR B 102 9.33 -6.81 19.34
C TYR B 102 9.63 -5.35 19.65
N SER B 103 10.54 -4.71 18.92
CA SER B 103 10.87 -3.32 19.22
C SER B 103 11.04 -2.50 17.95
N SER B 104 10.39 -2.91 16.86
CA SER B 104 10.35 -2.09 15.66
C SER B 104 9.65 -0.75 15.93
N THR B 105 10.09 0.29 15.23
CA THR B 105 9.44 1.60 15.31
C THR B 105 8.70 1.97 14.04
N ARG B 106 8.73 1.11 13.03
CA ARG B 106 8.05 1.28 11.74
CA ARG B 106 8.01 1.28 11.77
C ARG B 106 7.67 -0.11 11.24
N PRO B 107 6.63 -0.23 10.44
CA PRO B 107 6.33 -1.56 9.87
C PRO B 107 7.55 -2.10 9.16
N VAL B 108 7.87 -3.37 9.44
CA VAL B 108 8.97 -4.02 8.74
C VAL B 108 8.63 -4.10 7.26
N GLN B 109 9.64 -3.85 6.43
CA GLN B 109 9.50 -3.73 4.98
C GLN B 109 10.16 -4.94 4.31
N VAL B 110 9.38 -5.71 3.53
CA VAL B 110 9.90 -6.93 2.92
C VAL B 110 10.59 -6.61 1.59
N LEU B 111 11.69 -7.31 1.32
CA LEU B 111 12.54 -7.03 0.18
C LEU B 111 12.66 -8.20 -0.77
N SER B 112 12.07 -9.35 -0.45
CA SER B 112 12.19 -10.56 -1.25
C SER B 112 10.80 -11.07 -1.54
N PRO B 113 10.62 -11.88 -2.59
CA PRO B 113 9.30 -12.43 -2.92
C PRO B 113 8.79 -13.33 -1.80
N GLN B 114 7.50 -13.20 -1.50
CA GLN B 114 6.89 -13.91 -0.37
C GLN B 114 6.52 -15.34 -0.77
N ILE B 115 7.55 -16.14 -0.99
CA ILE B 115 7.44 -17.49 -1.52
C ILE B 115 8.20 -18.42 -0.60
N ALA B 116 7.61 -19.57 -0.29
CA ALA B 116 8.25 -20.61 0.49
C ALA B 116 8.64 -21.77 -0.42
N VAL B 117 9.68 -22.49 -0.04
CA VAL B 117 10.06 -23.71 -0.72
C VAL B 117 9.70 -24.88 0.19
N VAL B 118 8.96 -25.84 -0.34
CA VAL B 118 8.55 -27.05 0.37
C VAL B 118 9.33 -28.22 -0.20
N THR B 119 9.86 -29.06 0.68
CA THR B 119 10.65 -30.23 0.29
C THR B 119 9.92 -31.52 0.68
N HIS B 120 10.19 -32.58 -0.10
CA HIS B 120 9.45 -33.84 -0.02
C HIS B 120 9.42 -34.45 1.38
N ASP B 121 10.36 -34.10 2.27
CA ASP B 121 10.27 -34.61 3.63
C ASP B 121 9.33 -33.80 4.52
N GLY B 122 8.63 -32.80 3.99
CA GLY B 122 7.71 -32.02 4.79
C GLY B 122 8.29 -30.76 5.43
N SER B 123 9.57 -30.48 5.22
CA SER B 123 10.15 -29.25 5.75
C SER B 123 9.88 -28.08 4.80
N VAL B 124 9.60 -26.91 5.40
CA VAL B 124 9.32 -25.67 4.71
C VAL B 124 10.44 -24.69 5.03
N MET B 125 10.99 -24.05 4.00
CA MET B 125 11.97 -22.99 4.20
C MET B 125 11.44 -21.66 3.64
N PHE B 126 11.41 -20.65 4.50
CA PHE B 126 10.93 -19.32 4.14
C PHE B 126 11.95 -18.31 4.64
N ILE B 127 12.51 -17.52 3.71
CA ILE B 127 13.59 -16.58 4.04
C ILE B 127 13.27 -15.19 3.50
N PRO B 128 12.43 -14.42 4.20
CA PRO B 128 12.16 -13.04 3.78
C PRO B 128 13.34 -12.14 4.10
N ALA B 129 13.82 -11.40 3.09
CA ALA B 129 14.75 -10.32 3.35
C ALA B 129 13.94 -9.13 3.84
N GLN B 130 14.46 -8.42 4.84
CA GLN B 130 13.66 -7.37 5.46
C GLN B 130 14.52 -6.17 5.81
N ARG B 131 13.91 -4.99 5.77
CA ARG B 131 14.51 -3.78 6.32
C ARG B 131 13.71 -3.40 7.55
N LEU B 132 14.42 -3.01 8.61
CA LEU B 132 13.80 -2.89 9.93
C LEU B 132 14.39 -1.70 10.67
N SER B 133 13.49 -0.85 11.18
CA SER B 133 13.84 0.22 12.11
C SER B 133 13.48 -0.29 13.50
N PHE B 134 14.45 -0.32 14.42
CA PHE B 134 14.16 -0.78 15.76
C PHE B 134 14.80 0.16 16.78
N MET B 135 14.33 0.03 18.02
CA MET B 135 14.79 0.88 19.11
C MET B 135 16.22 0.54 19.46
N CYS B 136 17.08 1.54 19.42
CA CYS B 136 18.52 1.33 19.61
C CYS B 136 19.18 2.67 19.89
N ASP B 137 19.93 2.76 21.00
CA ASP B 137 20.72 3.93 21.35
C ASP B 137 22.09 3.76 20.72
N PRO B 138 22.48 4.56 19.73
CA PRO B 138 23.79 4.33 19.09
C PRO B 138 24.96 5.02 19.79
N THR B 139 24.77 5.42 21.04
CA THR B 139 25.89 5.96 21.80
C THR B 139 27.02 4.93 21.84
N GLY B 140 28.24 5.38 21.56
CA GLY B 140 29.41 4.52 21.50
C GLY B 140 29.86 4.17 20.11
N VAL B 141 29.01 4.41 19.10
CA VAL B 141 29.29 3.91 17.76
C VAL B 141 30.56 4.55 17.21
N ASP B 142 30.89 5.76 17.66
CA ASP B 142 32.15 6.42 17.30
C ASP B 142 33.23 6.10 18.32
N SER B 143 33.38 4.82 18.64
CA SER B 143 34.41 4.40 19.57
C SER B 143 34.84 2.99 19.20
N GLU B 144 36.02 2.62 19.69
CA GLU B 144 36.63 1.35 19.30
C GLU B 144 35.75 0.16 19.65
N GLU B 145 35.12 0.20 20.84
CA GLU B 145 34.24 -0.86 21.28
C GLU B 145 32.82 -0.74 20.73
N GLY B 146 32.48 0.40 20.14
CA GLY B 146 31.24 0.53 19.40
C GLY B 146 30.02 0.60 20.30
N ALA B 147 28.87 0.50 19.65
CA ALA B 147 27.58 0.50 20.33
C ALA B 147 27.02 -0.91 20.36
N THR B 148 26.09 -1.12 21.28
CA THR B 148 25.45 -2.44 21.45
C THR B 148 23.95 -2.27 21.46
N CYS B 149 23.27 -3.00 20.58
CA CYS B 149 21.83 -2.92 20.50
C CYS B 149 21.26 -4.31 20.33
N ALA B 150 19.98 -4.45 20.62
CA ALA B 150 19.33 -5.75 20.67
C ALA B 150 17.89 -5.60 20.21
N VAL B 151 17.44 -6.56 19.41
CA VAL B 151 16.04 -6.66 19.02
C VAL B 151 15.66 -8.14 19.03
N LYS B 152 14.51 -8.47 19.58
CA LYS B 152 14.13 -9.86 19.71
C LYS B 152 12.94 -10.15 18.80
N PHE B 153 12.94 -11.38 18.26
CA PHE B 153 11.94 -11.84 17.29
C PHE B 153 11.24 -13.08 17.84
N GLY B 154 9.95 -13.19 17.61
CA GLY B 154 9.21 -14.37 18.01
C GLY B 154 7.76 -14.20 17.63
N SER B 155 7.02 -15.29 17.80
CA SER B 155 5.59 -15.26 17.54
C SER B 155 4.93 -14.13 18.33
N TRP B 156 3.87 -13.57 17.76
CA TRP B 156 3.13 -12.54 18.46
C TRP B 156 1.95 -13.11 19.25
N VAL B 157 1.30 -14.16 18.76
CA VAL B 157 0.07 -14.66 19.37
C VAL B 157 0.14 -16.09 19.85
N TYR B 158 1.23 -16.81 19.60
CA TYR B 158 1.39 -18.20 20.02
C TYR B 158 2.36 -18.27 21.19
N SER B 159 1.99 -19.04 22.21
CA SER B 159 2.89 -19.20 23.35
C SER B 159 4.02 -20.17 22.99
N GLY B 160 5.00 -20.23 23.87
CA GLY B 160 6.07 -21.21 23.72
C GLY B 160 5.61 -22.65 23.84
N PHE B 161 4.39 -22.90 24.30
CA PHE B 161 3.86 -24.25 24.32
C PHE B 161 3.20 -24.63 23.01
N GLU B 162 2.96 -23.66 22.12
CA GLU B 162 2.46 -23.86 20.76
C GLU B 162 3.55 -23.75 19.71
N ILE B 163 4.31 -22.66 19.69
CA ILE B 163 5.49 -22.55 18.83
C ILE B 163 6.73 -22.68 19.71
N ASP B 164 7.49 -23.74 19.46
CA ASP B 164 8.76 -23.95 20.15
C ASP B 164 9.84 -23.33 19.28
N LEU B 165 10.47 -22.30 19.79
CA LEU B 165 11.44 -21.55 19.01
C LEU B 165 12.85 -22.04 19.34
N LYS B 166 13.70 -22.05 18.31
CA LYS B 166 14.99 -22.71 18.37
C LYS B 166 15.90 -22.06 17.34
N THR B 167 17.17 -21.88 17.68
CA THR B 167 18.22 -21.62 16.70
C THR B 167 19.02 -22.89 16.48
N ASP B 168 19.76 -22.94 15.37
CA ASP B 168 20.71 -24.04 15.23
C ASP B 168 22.15 -23.55 15.24
N THR B 169 22.38 -22.33 15.73
CA THR B 169 23.69 -21.73 16.00
C THR B 169 23.43 -20.42 16.76
N ASP B 170 24.41 -20.04 17.58
CA ASP B 170 24.38 -18.77 18.31
C ASP B 170 24.92 -17.61 17.50
N GLN B 171 25.60 -17.87 16.41
CA GLN B 171 26.25 -16.83 15.65
C GLN B 171 25.34 -16.36 14.52
N VAL B 172 25.10 -15.05 14.46
CA VAL B 172 24.49 -14.43 13.29
C VAL B 172 25.44 -14.60 12.11
N ASP B 173 24.91 -15.02 10.97
CA ASP B 173 25.76 -15.17 9.79
C ASP B 173 26.12 -13.79 9.27
N LEU B 174 27.43 -13.51 9.19
CA LEU B 174 27.97 -12.22 8.74
C LEU B 174 28.74 -12.34 7.44
N SER B 175 28.69 -13.51 6.78
CA SER B 175 29.46 -13.73 5.56
C SER B 175 28.97 -12.88 4.39
N SER B 176 27.74 -12.39 4.43
CA SER B 176 27.27 -11.50 3.38
C SER B 176 27.28 -10.04 3.80
N TYR B 177 27.83 -9.71 4.97
CA TYR B 177 27.74 -8.32 5.42
C TYR B 177 28.45 -7.39 4.46
N TYR B 178 27.73 -6.34 4.06
CA TYR B 178 28.21 -5.28 3.17
C TYR B 178 29.51 -4.66 3.66
N ALA B 179 30.60 -4.89 2.94
CA ALA B 179 31.91 -4.47 3.41
C ALA B 179 32.14 -2.97 3.32
N SER B 180 31.33 -2.23 2.56
CA SER B 180 31.47 -0.78 2.47
C SER B 180 30.37 -0.04 3.22
N SER B 181 29.74 -0.71 4.17
CA SER B 181 28.72 -0.10 5.00
C SER B 181 29.31 1.04 5.82
N LYS B 182 28.45 1.98 6.20
CA LYS B 182 28.86 3.00 7.16
C LYS B 182 29.27 2.39 8.48
N TYR B 183 28.82 1.19 8.79
CA TYR B 183 29.13 0.59 10.09
C TYR B 183 29.78 -0.76 9.89
N GLU B 184 30.75 -1.09 10.73
CA GLU B 184 31.32 -2.43 10.74
C GLU B 184 30.78 -3.19 11.94
N ILE B 185 30.57 -4.49 11.76
CA ILE B 185 30.02 -5.34 12.82
C ILE B 185 31.17 -5.87 13.67
N LEU B 186 31.06 -5.66 14.97
CA LEU B 186 32.03 -6.25 15.88
C LEU B 186 31.61 -7.66 16.28
N SER B 187 30.33 -7.85 16.60
CA SER B 187 29.82 -9.19 16.88
C SER B 187 28.30 -9.17 16.70
N ALA B 188 27.73 -10.35 16.44
CA ALA B 188 26.28 -10.49 16.35
C ALA B 188 25.87 -11.88 16.80
N THR B 189 25.04 -11.94 17.83
CA THR B 189 24.58 -13.22 18.38
C THR B 189 23.06 -13.29 18.36
N GLN B 190 22.56 -14.53 18.30
CA GLN B 190 21.13 -14.84 18.36
C GLN B 190 20.92 -15.88 19.45
N THR B 191 20.05 -15.58 20.39
CA THR B 191 19.91 -16.37 21.60
C THR B 191 18.44 -16.42 21.98
N LYS B 192 17.94 -17.65 22.18
CA LYS B 192 16.55 -17.85 22.57
C LYS B 192 16.32 -17.44 24.02
N HIS B 193 15.14 -16.87 24.29
CA HIS B 193 14.73 -16.53 25.65
C HIS B 193 13.25 -16.84 25.84
N ASP B 194 12.87 -17.10 27.09
CA ASP B 194 11.48 -17.21 27.48
C ASP B 194 11.13 -16.01 28.35
N ILE B 195 9.85 -15.67 28.42
CA ILE B 195 9.46 -14.45 29.11
C ILE B 195 7.96 -14.46 29.32
N LYS B 196 7.51 -13.79 30.37
CA LYS B 196 6.11 -13.65 30.71
C LYS B 196 5.72 -12.19 30.56
N TYR B 197 4.50 -11.93 30.14
CA TYR B 197 4.05 -10.54 30.03
C TYR B 197 2.87 -10.29 30.97
N ASN B 198 2.70 -9.01 31.33
CA ASN B 198 1.66 -8.64 32.27
C ASN B 198 0.27 -9.07 31.80
N CYS B 199 0.02 -9.08 30.49
CA CYS B 199 -1.33 -9.33 30.01
C CYS B 199 -1.79 -10.74 30.32
N CYS B 200 -0.86 -11.70 30.35
CA CYS B 200 -1.19 -13.06 30.01
C CYS B 200 -0.40 -14.01 30.91
N GLU B 201 -0.98 -15.19 31.15
CA GLU B 201 -0.31 -16.16 31.99
C GLU B 201 0.65 -17.04 31.21
N GLU B 202 0.34 -17.34 29.94
CA GLU B 202 1.19 -18.26 29.20
C GLU B 202 2.55 -17.63 28.93
N ILE B 203 3.58 -18.48 28.77
CA ILE B 203 4.96 -18.04 28.59
C ILE B 203 5.26 -17.95 27.10
N TYR B 204 5.97 -16.91 26.71
CA TYR B 204 6.31 -16.65 25.31
C TYR B 204 7.80 -16.83 25.11
N THR B 205 8.17 -17.13 23.87
CA THR B 205 9.57 -17.40 23.56
C THR B 205 9.97 -16.60 22.33
N ASP B 206 11.24 -16.18 22.30
CA ASP B 206 11.75 -15.34 21.23
C ASP B 206 13.25 -15.58 21.09
N VAL B 207 13.83 -15.03 20.03
CA VAL B 207 15.26 -15.09 19.76
C VAL B 207 15.82 -13.67 19.74
N ASN B 208 16.79 -13.39 20.61
CA ASN B 208 17.29 -12.04 20.81
C ASN B 208 18.52 -11.84 19.93
N LEU B 209 18.47 -10.82 19.08
CA LEU B 209 19.55 -10.52 18.15
C LEU B 209 20.35 -9.36 18.74
N VAL B 210 21.58 -9.65 19.18
CA VAL B 210 22.43 -8.65 19.83
C VAL B 210 23.57 -8.30 18.90
N VAL B 211 23.68 -7.03 18.52
CA VAL B 211 24.66 -6.57 17.55
C VAL B 211 25.53 -5.48 18.16
N LYS B 212 26.84 -5.68 18.08
CA LYS B 212 27.82 -4.69 18.51
C LYS B 212 28.50 -4.12 17.27
N PHE B 213 28.48 -2.80 17.14
CA PHE B 213 28.86 -2.21 15.87
C PHE B 213 29.43 -0.81 16.08
N ARG B 214 30.16 -0.33 15.07
CA ARG B 214 30.81 0.96 15.15
C ARG B 214 30.99 1.53 13.75
N GLU B 215 31.30 2.83 13.69
CA GLU B 215 31.54 3.49 12.42
C GLU B 215 32.81 2.94 11.76
N ARG B 216 32.76 2.78 10.44
CA ARG B 216 33.85 2.18 9.71
C ARG B 216 35.01 3.17 9.63
N ASP C 5 -16.02 -2.29 -39.11
CA ASP C 5 -17.13 -2.32 -38.18
C ASP C 5 -17.42 -3.76 -37.78
N ASP C 6 -17.97 -4.53 -38.73
CA ASP C 6 -18.11 -5.96 -38.53
C ASP C 6 -16.74 -6.65 -38.53
N ASP C 7 -15.83 -6.20 -39.40
CA ASP C 7 -14.45 -6.67 -39.34
C ASP C 7 -13.82 -6.36 -37.99
N LYS C 8 -14.12 -5.18 -37.45
CA LYS C 8 -13.54 -4.75 -36.19
C LYS C 8 -13.86 -5.76 -35.08
N LEU C 9 -15.12 -6.19 -34.99
CA LEU C 9 -15.49 -7.13 -33.92
C LEU C 9 -14.96 -8.53 -34.19
N HIS C 10 -14.91 -8.94 -35.47
CA HIS C 10 -14.24 -10.20 -35.76
C HIS C 10 -12.81 -10.19 -35.23
N SER C 11 -12.16 -9.03 -35.29
CA SER C 11 -10.81 -8.90 -34.74
C SER C 11 -10.83 -9.04 -33.22
N GLN C 12 -11.80 -8.40 -32.55
CA GLN C 12 -11.90 -8.53 -31.11
C GLN C 12 -12.22 -9.97 -30.70
N ALA C 13 -13.09 -10.63 -31.48
CA ALA C 13 -13.45 -12.03 -31.25
C ALA C 13 -12.24 -12.95 -31.37
N ASN C 14 -11.42 -12.78 -32.41
CA ASN C 14 -10.20 -13.58 -32.56
C ASN C 14 -9.28 -13.46 -31.34
N LEU C 15 -9.14 -12.25 -30.79
CA LEU C 15 -8.21 -12.07 -29.68
C LEU C 15 -8.79 -12.64 -28.40
N MET C 16 -10.10 -12.51 -28.20
CA MET C 16 -10.74 -13.14 -27.06
C MET C 16 -10.63 -14.66 -27.14
N ARG C 17 -10.85 -15.22 -28.34
CA ARG C 17 -10.72 -16.65 -28.50
C ARG C 17 -9.31 -17.12 -28.17
N LEU C 18 -8.31 -16.36 -28.61
CA LEU C 18 -6.91 -16.73 -28.34
C LEU C 18 -6.59 -16.68 -26.85
N LYS C 19 -7.02 -15.62 -26.15
CA LYS C 19 -6.73 -15.57 -24.72
C LYS C 19 -7.51 -16.64 -23.99
N SER C 20 -8.74 -16.88 -24.41
CA SER C 20 -9.54 -17.91 -23.77
C SER C 20 -8.99 -19.31 -24.04
N ASP C 21 -8.51 -19.55 -25.27
CA ASP C 21 -7.84 -20.82 -25.58
C ASP C 21 -6.59 -21.02 -24.72
N LEU C 22 -5.77 -19.97 -24.58
CA LEU C 22 -4.49 -20.12 -23.88
C LEU C 22 -4.68 -20.23 -22.38
N PHE C 23 -5.64 -19.49 -21.82
CA PHE C 23 -5.74 -19.37 -20.37
C PHE C 23 -6.79 -20.29 -19.75
N ASN C 24 -7.71 -20.84 -20.53
CA ASN C 24 -8.78 -21.66 -19.98
C ASN C 24 -8.88 -23.06 -20.56
N ARG C 25 -8.49 -23.26 -21.81
CA ARG C 25 -8.59 -24.58 -22.45
C ARG C 25 -7.30 -25.37 -22.36
N SER C 26 -6.33 -24.91 -21.56
CA SER C 26 -5.09 -25.62 -21.32
C SER C 26 -4.62 -25.28 -19.91
N PRO C 27 -3.87 -26.16 -19.26
CA PRO C 27 -3.29 -25.79 -17.97
C PRO C 27 -2.26 -24.68 -18.14
N MET C 28 -2.21 -23.79 -17.16
CA MET C 28 -1.24 -22.70 -17.16
C MET C 28 0.12 -23.17 -16.64
N TYR C 29 1.18 -22.74 -17.32
CA TYR C 29 2.54 -23.00 -16.90
C TYR C 29 2.71 -22.85 -15.39
N PRO C 30 3.09 -23.91 -14.69
CA PRO C 30 3.22 -23.83 -13.22
C PRO C 30 4.58 -23.37 -12.72
N GLY C 31 5.49 -22.98 -13.60
CA GLY C 31 6.82 -22.58 -13.22
C GLY C 31 7.79 -23.65 -13.64
N PRO C 32 9.08 -23.31 -13.69
CA PRO C 32 10.09 -24.31 -14.07
C PRO C 32 10.37 -25.31 -12.95
N THR C 33 11.01 -26.41 -13.33
CA THR C 33 11.40 -27.46 -12.42
C THR C 33 12.75 -27.99 -12.88
N LYS C 34 13.39 -28.81 -12.05
CA LYS C 34 14.69 -29.37 -12.41
C LYS C 34 14.63 -30.13 -13.73
N ASP C 35 13.50 -30.79 -14.03
CA ASP C 35 13.37 -31.56 -15.26
C ASP C 35 12.89 -30.72 -16.44
N ASP C 36 12.31 -29.55 -16.18
CA ASP C 36 11.81 -28.66 -17.22
C ASP C 36 12.29 -27.24 -16.93
N PRO C 37 13.59 -27.00 -17.02
CA PRO C 37 14.14 -25.71 -16.59
C PRO C 37 13.85 -24.61 -17.60
N LEU C 38 13.93 -23.37 -17.13
CA LEU C 38 13.52 -22.21 -17.93
C LEU C 38 14.66 -21.22 -18.08
N THR C 39 14.97 -20.86 -19.31
CA THR C 39 15.97 -19.85 -19.57
C THR C 39 15.33 -18.48 -19.45
N VAL C 40 15.84 -17.65 -18.55
CA VAL C 40 15.38 -16.28 -18.42
C VAL C 40 16.53 -15.35 -18.78
N THR C 41 16.26 -14.45 -19.71
CA THR C 41 17.20 -13.46 -20.18
C THR C 41 16.92 -12.14 -19.47
N LEU C 42 17.99 -11.44 -19.10
CA LEU C 42 17.93 -10.23 -18.29
C LEU C 42 18.76 -9.13 -18.93
N GLY C 43 18.17 -7.95 -19.09
CA GLY C 43 18.92 -6.79 -19.52
C GLY C 43 18.53 -5.56 -18.73
N PHE C 44 19.48 -4.64 -18.60
CA PHE C 44 19.24 -3.41 -17.84
C PHE C 44 19.42 -2.18 -18.70
N THR C 45 18.50 -1.24 -18.55
CA THR C 45 18.56 0.09 -19.15
C THR C 45 18.56 1.12 -18.05
N LEU C 46 19.69 1.80 -17.86
CA LEU C 46 19.84 2.82 -16.81
C LEU C 46 19.25 4.16 -17.26
N GLN C 47 18.29 4.67 -16.50
CA GLN C 47 17.66 5.92 -16.88
C GLN C 47 18.16 7.10 -16.07
N ASP C 48 18.41 6.92 -14.78
CA ASP C 48 18.80 8.04 -13.93
C ASP C 48 19.35 7.56 -12.60
N ILE C 49 20.51 8.07 -12.21
CA ILE C 49 20.95 7.99 -10.83
C ILE C 49 20.41 9.24 -10.14
N VAL C 50 19.36 9.06 -9.34
CA VAL C 50 18.67 10.20 -8.75
C VAL C 50 19.49 10.80 -7.61
N LYS C 51 20.07 9.96 -6.75
CA LYS C 51 20.62 10.42 -5.49
C LYS C 51 21.64 9.44 -4.97
N ALA C 52 22.70 9.97 -4.38
CA ALA C 52 23.75 9.18 -3.73
C ALA C 52 23.95 9.72 -2.33
N ASP C 53 23.63 8.92 -1.31
CA ASP C 53 23.64 9.37 0.08
C ASP C 53 24.87 8.79 0.77
N SER C 54 25.89 9.62 0.97
CA SER C 54 27.12 9.21 1.63
C SER C 54 26.97 9.07 3.14
N SER C 55 25.82 9.43 3.71
CA SER C 55 25.61 9.22 5.14
C SER C 55 25.04 7.86 5.47
N THR C 56 24.33 7.22 4.52
CA THR C 56 23.84 5.85 4.69
C THR C 56 24.45 4.86 3.72
N ASN C 57 25.24 5.34 2.75
CA ASN C 57 25.77 4.51 1.67
C ASN C 57 24.63 3.78 0.95
N GLU C 58 23.64 4.54 0.53
CA GLU C 58 22.59 4.11 -0.38
C GLU C 58 22.59 5.01 -1.61
N VAL C 59 22.23 4.43 -2.75
CA VAL C 59 22.13 5.14 -4.01
C VAL C 59 20.83 4.73 -4.69
N ASP C 60 20.14 5.70 -5.28
CA ASP C 60 18.82 5.48 -5.87
C ASP C 60 18.93 5.54 -7.39
N LEU C 61 18.48 4.45 -8.03
CA LEU C 61 18.62 4.26 -9.47
C LEU C 61 17.25 4.05 -10.09
N VAL C 62 16.95 4.82 -11.15
CA VAL C 62 15.80 4.57 -12.01
C VAL C 62 16.28 3.80 -13.22
N TYR C 63 15.66 2.64 -13.51
CA TYR C 63 16.15 1.76 -14.56
C TYR C 63 15.02 0.88 -15.05
N TRP C 64 15.18 0.34 -16.26
CA TRP C 64 14.24 -0.63 -16.80
C TRP C 64 14.89 -2.01 -16.77
N GLU C 65 14.13 -2.99 -16.36
CA GLU C 65 14.62 -4.35 -16.21
C GLU C 65 13.94 -5.15 -17.31
N GLN C 66 14.69 -5.49 -18.35
CA GLN C 66 14.17 -6.27 -19.44
C GLN C 66 14.25 -7.74 -19.10
N GLN C 67 13.10 -8.43 -19.10
CA GLN C 67 13.00 -9.85 -18.80
C GLN C 67 12.34 -10.57 -19.97
N ARG C 68 12.99 -11.61 -20.49
CA ARG C 68 12.46 -12.40 -21.59
C ARG C 68 12.57 -13.88 -21.27
N TRP C 69 11.50 -14.63 -21.55
CA TRP C 69 11.51 -16.08 -21.48
C TRP C 69 10.57 -16.59 -22.57
N LYS C 70 10.54 -17.90 -22.78
CA LYS C 70 9.78 -18.45 -23.90
C LYS C 70 9.15 -19.77 -23.47
N LEU C 71 7.85 -19.92 -23.73
CA LEU C 71 7.03 -21.00 -23.20
C LEU C 71 6.26 -21.70 -24.33
N ASN C 72 6.37 -23.02 -24.42
CA ASN C 72 5.60 -23.77 -25.40
C ASN C 72 4.10 -23.56 -25.21
N SER C 73 3.65 -23.52 -23.96
CA SER C 73 2.22 -23.36 -23.70
C SER C 73 1.69 -21.98 -24.07
N LEU C 74 2.54 -21.06 -24.54
CA LEU C 74 2.08 -19.78 -25.05
C LEU C 74 2.29 -19.65 -26.55
N MET C 75 2.59 -20.75 -27.23
CA MET C 75 2.70 -20.74 -28.69
C MET C 75 1.31 -20.75 -29.32
N TRP C 76 1.20 -20.13 -30.49
CA TRP C 76 0.02 -20.30 -31.33
C TRP C 76 0.38 -20.02 -32.77
N ASP C 77 -0.47 -20.52 -33.66
CA ASP C 77 -0.33 -20.28 -35.09
C ASP C 77 -1.16 -19.06 -35.44
N PRO C 78 -0.57 -17.97 -35.91
CA PRO C 78 -1.36 -16.77 -36.25
C PRO C 78 -2.46 -17.03 -37.25
N ASN C 79 -2.32 -18.05 -38.10
CA ASN C 79 -3.33 -18.33 -39.14
C ASN C 79 -4.67 -18.74 -38.53
N GLU C 80 -4.67 -19.34 -37.34
CA GLU C 80 -5.89 -19.75 -36.69
C GLU C 80 -6.59 -18.63 -35.93
N TYR C 81 -6.02 -17.41 -35.93
CA TYR C 81 -6.50 -16.36 -35.03
C TYR C 81 -6.45 -14.99 -35.71
N GLY C 82 -6.82 -14.91 -36.98
CA GLY C 82 -6.87 -13.62 -37.64
C GLY C 82 -5.53 -12.98 -37.89
N ASN C 83 -4.46 -13.77 -37.93
CA ASN C 83 -3.08 -13.31 -38.10
C ASN C 83 -2.61 -12.40 -36.98
N ILE C 84 -3.27 -12.44 -35.81
CA ILE C 84 -2.69 -11.85 -34.60
C ILE C 84 -1.34 -12.49 -34.32
N THR C 85 -0.32 -11.66 -34.03
CA THR C 85 1.00 -12.18 -33.69
C THR C 85 1.48 -11.80 -32.30
N ASP C 86 0.83 -10.86 -31.60
CA ASP C 86 1.16 -10.44 -30.24
C ASP C 86 -0.13 -10.28 -29.46
N PHE C 87 -0.02 -10.26 -28.14
CA PHE C 87 -1.07 -9.66 -27.32
C PHE C 87 -0.47 -9.24 -25.99
N ARG C 88 -1.20 -8.37 -25.31
CA ARG C 88 -0.76 -7.86 -24.02
C ARG C 88 -1.58 -8.51 -22.91
N THR C 89 -0.94 -8.72 -21.77
CA THR C 89 -1.67 -9.30 -20.66
C THR C 89 -1.07 -8.79 -19.37
N SER C 90 -1.88 -8.73 -18.34
CA SER C 90 -1.40 -8.30 -17.04
C SER C 90 -0.37 -9.27 -16.51
N ALA C 91 0.74 -8.75 -15.98
CA ALA C 91 1.80 -9.62 -15.52
C ALA C 91 1.31 -10.53 -14.39
N ALA C 92 0.31 -10.09 -13.62
CA ALA C 92 -0.24 -10.92 -12.57
C ALA C 92 -0.98 -12.14 -13.10
N ASP C 93 -1.45 -12.10 -14.34
CA ASP C 93 -2.23 -13.19 -14.92
C ASP C 93 -1.38 -14.36 -15.37
N ILE C 94 -0.05 -14.21 -15.47
CA ILE C 94 0.82 -15.28 -15.96
C ILE C 94 1.92 -15.49 -14.93
N TRP C 95 2.66 -16.57 -15.13
CA TRP C 95 3.90 -16.77 -14.39
C TRP C 95 4.93 -15.74 -14.84
N THR C 96 5.69 -15.23 -13.87
CA THR C 96 6.80 -14.32 -14.13
C THR C 96 7.93 -14.73 -13.20
N PRO C 97 9.17 -14.55 -13.60
CA PRO C 97 10.28 -14.91 -12.71
C PRO C 97 10.38 -13.93 -11.54
N ASP C 98 10.88 -14.44 -10.41
CA ASP C 98 10.96 -13.66 -9.18
C ASP C 98 12.29 -12.93 -9.06
N ILE C 99 12.66 -12.18 -10.10
CA ILE C 99 13.95 -11.49 -10.07
C ILE C 99 13.97 -10.50 -8.93
N THR C 100 15.03 -10.54 -8.13
CA THR C 100 15.13 -9.76 -6.92
C THR C 100 16.54 -9.18 -6.86
N ALA C 101 16.63 -7.91 -6.49
CA ALA C 101 17.93 -7.31 -6.22
C ALA C 101 18.42 -7.82 -4.86
N TYR C 102 19.68 -8.21 -4.79
CA TYR C 102 20.18 -8.86 -3.59
C TYR C 102 20.75 -7.90 -2.56
N SER C 103 20.72 -6.61 -2.83
CA SER C 103 21.23 -5.68 -1.83
C SER C 103 20.40 -4.42 -1.78
N SER C 104 19.13 -4.48 -2.20
CA SER C 104 18.26 -3.34 -2.03
C SER C 104 18.14 -3.02 -0.54
N THR C 105 17.89 -1.75 -0.24
CA THR C 105 17.69 -1.33 1.14
C THR C 105 16.28 -0.82 1.41
N ARG C 106 15.42 -0.75 0.39
CA ARG C 106 14.01 -0.38 0.44
C ARG C 106 13.27 -1.26 -0.55
N PRO C 107 11.97 -1.50 -0.35
CA PRO C 107 11.20 -2.19 -1.39
C PRO C 107 11.30 -1.43 -2.70
N VAL C 108 11.40 -2.17 -3.81
CA VAL C 108 11.48 -1.57 -5.13
C VAL C 108 10.17 -0.87 -5.45
N GLN C 109 10.25 0.32 -6.05
CA GLN C 109 9.05 1.08 -6.41
C GLN C 109 8.80 0.97 -7.91
N VAL C 110 7.58 0.62 -8.28
CA VAL C 110 7.24 0.36 -9.68
C VAL C 110 6.71 1.62 -10.34
N LEU C 111 7.27 1.97 -11.50
CA LEU C 111 6.93 3.21 -12.18
C LEU C 111 6.16 2.99 -13.48
N SER C 112 5.95 1.76 -13.91
CA SER C 112 5.31 1.48 -15.19
C SER C 112 4.26 0.41 -15.04
N PRO C 113 3.28 0.37 -15.95
CA PRO C 113 2.24 -0.67 -15.87
C PRO C 113 2.85 -2.06 -15.90
N GLN C 114 2.20 -2.97 -15.19
CA GLN C 114 2.71 -4.34 -15.03
C GLN C 114 2.03 -5.19 -16.09
N ILE C 115 2.55 -5.10 -17.31
CA ILE C 115 1.90 -5.71 -18.46
C ILE C 115 2.96 -6.40 -19.30
N ALA C 116 2.71 -7.66 -19.66
CA ALA C 116 3.62 -8.43 -20.49
C ALA C 116 3.14 -8.49 -21.93
N VAL C 117 4.08 -8.69 -22.85
CA VAL C 117 3.80 -8.86 -24.26
C VAL C 117 4.13 -10.29 -24.64
N VAL C 118 3.13 -11.03 -25.13
CA VAL C 118 3.29 -12.41 -25.55
C VAL C 118 3.24 -12.46 -27.06
N THR C 119 4.24 -13.07 -27.68
CA THR C 119 4.29 -13.25 -29.12
C THR C 119 4.05 -14.71 -29.48
N HIS C 120 3.64 -14.94 -30.73
CA HIS C 120 3.08 -16.24 -31.13
C HIS C 120 4.06 -17.40 -30.99
N ASP C 121 5.37 -17.12 -31.02
CA ASP C 121 6.34 -18.17 -30.73
C ASP C 121 6.40 -18.53 -29.24
N GLY C 122 5.53 -17.95 -28.40
CA GLY C 122 5.56 -18.26 -26.99
C GLY C 122 6.55 -17.46 -26.18
N SER C 123 7.26 -16.52 -26.79
CA SER C 123 8.19 -15.69 -26.02
C SER C 123 7.41 -14.59 -25.31
N VAL C 124 7.83 -14.27 -24.10
CA VAL C 124 7.22 -13.22 -23.29
C VAL C 124 8.27 -12.16 -23.08
N MET C 125 7.87 -10.89 -23.20
CA MET C 125 8.73 -9.79 -22.81
C MET C 125 8.04 -8.97 -21.73
N PHE C 126 8.77 -8.72 -20.64
CA PHE C 126 8.28 -7.95 -19.50
C PHE C 126 9.36 -6.95 -19.11
N ILE C 127 9.02 -5.67 -19.11
CA ILE C 127 9.98 -4.60 -18.89
C ILE C 127 9.46 -3.59 -17.88
N PRO C 128 9.55 -3.87 -16.59
CA PRO C 128 9.11 -2.89 -15.59
C PRO C 128 10.18 -1.80 -15.40
N ALA C 129 9.74 -0.54 -15.41
CA ALA C 129 10.58 0.54 -14.91
C ALA C 129 10.47 0.62 -13.39
N GLN C 130 11.61 0.77 -12.70
CA GLN C 130 11.60 0.73 -11.24
C GLN C 130 12.55 1.78 -10.67
N ARG C 131 12.30 2.15 -9.43
CA ARG C 131 13.23 2.93 -8.61
C ARG C 131 13.80 2.03 -7.51
N LEU C 132 15.12 1.89 -7.47
CA LEU C 132 15.78 0.96 -6.58
C LEU C 132 16.81 1.69 -5.72
N SER C 133 16.70 1.51 -4.39
CA SER C 133 17.69 1.92 -3.41
C SER C 133 18.57 0.72 -3.07
N PHE C 134 19.89 0.84 -3.30
CA PHE C 134 20.78 -0.28 -3.00
C PHE C 134 22.05 0.19 -2.31
N MET C 135 22.74 -0.76 -1.68
CA MET C 135 23.95 -0.49 -0.93
C MET C 135 25.09 -0.08 -1.85
N CYS C 136 25.62 1.11 -1.63
CA CYS C 136 26.62 1.68 -2.51
C CYS C 136 27.35 2.79 -1.78
N ASP C 137 28.68 2.72 -1.76
CA ASP C 137 29.51 3.73 -1.12
C ASP C 137 29.94 4.74 -2.18
N PRO C 138 29.41 5.97 -2.16
CA PRO C 138 29.70 6.93 -3.22
C PRO C 138 31.04 7.65 -3.07
N THR C 139 31.89 7.24 -2.15
CA THR C 139 33.21 7.82 -2.00
C THR C 139 33.94 7.81 -3.34
N GLY C 140 34.40 8.98 -3.77
CA GLY C 140 35.06 9.14 -5.05
C GLY C 140 34.19 9.74 -6.13
N VAL C 141 32.91 10.00 -5.83
CA VAL C 141 31.97 10.46 -6.84
C VAL C 141 32.32 11.87 -7.31
N ASP C 142 32.99 12.65 -6.47
CA ASP C 142 33.47 13.98 -6.84
C ASP C 142 34.93 13.95 -7.26
N SER C 143 35.33 12.96 -8.04
CA SER C 143 36.68 12.85 -8.57
C SER C 143 36.59 12.40 -10.01
N GLU C 144 37.71 12.52 -10.75
CA GLU C 144 37.67 12.11 -12.15
C GLU C 144 37.47 10.60 -12.26
N GLU C 145 38.03 9.84 -11.31
CA GLU C 145 37.86 8.40 -11.33
C GLU C 145 36.45 7.98 -10.97
N GLY C 146 35.67 8.85 -10.32
CA GLY C 146 34.33 8.50 -9.92
C GLY C 146 34.27 7.39 -8.87
N ALA C 147 33.04 6.96 -8.60
CA ALA C 147 32.77 5.88 -7.68
C ALA C 147 32.30 4.65 -8.44
N THR C 148 32.47 3.49 -7.80
CA THR C 148 32.10 2.22 -8.41
C THR C 148 31.23 1.45 -7.45
N CYS C 149 30.04 1.06 -7.92
CA CYS C 149 29.13 0.28 -7.09
C CYS C 149 28.60 -0.90 -7.89
N ALA C 150 27.93 -1.83 -7.19
CA ALA C 150 27.40 -3.02 -7.83
C ALA C 150 26.16 -3.50 -7.10
N VAL C 151 25.26 -4.12 -7.84
CA VAL C 151 24.09 -4.79 -7.29
C VAL C 151 23.70 -5.91 -8.24
N LYS C 152 23.36 -7.06 -7.69
CA LYS C 152 23.12 -8.23 -8.50
C LYS C 152 21.66 -8.65 -8.41
N PHE C 153 21.18 -9.31 -9.46
CA PHE C 153 19.77 -9.63 -9.59
C PHE C 153 19.63 -11.10 -9.95
N GLY C 154 18.71 -11.79 -9.27
CA GLY C 154 18.46 -13.17 -9.61
C GLY C 154 17.22 -13.68 -8.91
N SER C 155 16.84 -14.91 -9.23
CA SER C 155 15.72 -15.53 -8.56
C SER C 155 15.97 -15.58 -7.05
N TRP C 156 14.89 -15.54 -6.27
CA TRP C 156 15.06 -15.70 -4.84
C TRP C 156 14.91 -17.15 -4.39
N VAL C 157 14.07 -17.93 -5.08
CA VAL C 157 13.70 -19.27 -4.63
C VAL C 157 13.96 -20.36 -5.67
N TYR C 158 14.41 -20.02 -6.88
CA TYR C 158 14.72 -21.01 -7.91
C TYR C 158 16.23 -21.14 -8.04
N SER C 159 16.73 -22.38 -8.00
CA SER C 159 18.16 -22.62 -8.19
C SER C 159 18.54 -22.40 -9.65
N GLY C 160 19.85 -22.41 -9.92
CA GLY C 160 20.35 -22.37 -11.28
C GLY C 160 20.00 -23.60 -12.09
N PHE C 161 19.53 -24.67 -11.43
CA PHE C 161 19.03 -25.84 -12.14
C PHE C 161 17.58 -25.66 -12.59
N GLU C 162 16.84 -24.70 -12.02
CA GLU C 162 15.46 -24.43 -12.43
C GLU C 162 15.33 -23.24 -13.38
N ILE C 163 15.90 -22.08 -13.03
CA ILE C 163 15.92 -20.93 -13.91
C ILE C 163 17.34 -20.73 -14.39
N ASP C 164 17.52 -20.84 -15.70
CA ASP C 164 18.81 -20.70 -16.35
C ASP C 164 18.95 -19.25 -16.79
N LEU C 165 19.65 -18.45 -16.00
CA LEU C 165 19.65 -17.00 -16.14
C LEU C 165 20.78 -16.57 -17.06
N LYS C 166 20.46 -15.70 -18.02
CA LYS C 166 21.42 -15.24 -19.01
C LYS C 166 21.20 -13.77 -19.25
N THR C 167 22.23 -13.07 -19.70
CA THR C 167 22.08 -11.69 -20.12
C THR C 167 21.75 -11.64 -21.61
N ASP C 168 20.88 -10.72 -22.00
CA ASP C 168 20.61 -10.54 -23.42
C ASP C 168 21.86 -10.12 -24.18
N THR C 169 22.81 -9.50 -23.50
CA THR C 169 23.88 -8.73 -24.11
C THR C 169 24.93 -8.43 -23.05
N ASP C 170 26.16 -8.16 -23.52
CA ASP C 170 27.26 -7.82 -22.64
C ASP C 170 27.13 -6.39 -22.07
N GLN C 171 26.59 -5.46 -22.86
CA GLN C 171 26.62 -4.04 -22.54
C GLN C 171 25.31 -3.59 -21.89
N VAL C 172 25.42 -2.86 -20.79
CA VAL C 172 24.27 -2.17 -20.23
C VAL C 172 23.78 -1.12 -21.20
N ASP C 173 22.46 -1.00 -21.34
CA ASP C 173 21.88 -0.01 -22.25
C ASP C 173 21.87 1.36 -21.58
N LEU C 174 22.74 2.24 -22.04
CA LEU C 174 22.82 3.61 -21.56
C LEU C 174 22.22 4.63 -22.52
N SER C 175 21.51 4.18 -23.56
CA SER C 175 21.05 5.12 -24.59
C SER C 175 19.90 6.02 -24.13
N SER C 176 19.18 5.65 -23.05
CA SER C 176 18.10 6.48 -22.52
C SER C 176 18.50 7.18 -21.23
N TYR C 177 19.80 7.26 -20.94
CA TYR C 177 20.21 7.82 -19.66
C TYR C 177 19.95 9.31 -19.63
N TYR C 178 19.32 9.79 -18.55
CA TYR C 178 18.98 11.19 -18.39
C TYR C 178 20.20 12.08 -18.57
N ALA C 179 20.21 12.87 -19.66
CA ALA C 179 21.33 13.73 -19.98
C ALA C 179 21.69 14.69 -18.84
N SER C 180 20.70 15.18 -18.09
CA SER C 180 20.94 16.23 -17.10
C SER C 180 20.92 15.69 -15.68
N SER C 181 21.17 14.40 -15.51
CA SER C 181 21.30 13.84 -14.17
C SER C 181 22.41 14.54 -13.40
N LYS C 182 22.31 14.49 -12.05
CA LYS C 182 23.42 14.94 -11.22
C LYS C 182 24.65 14.06 -11.39
N TYR C 183 24.51 12.89 -12.02
CA TYR C 183 25.60 11.93 -12.14
C TYR C 183 25.69 11.41 -13.57
N GLU C 184 26.90 11.46 -14.11
CA GLU C 184 27.20 10.83 -15.38
C GLU C 184 27.60 9.39 -15.12
N ILE C 185 27.26 8.51 -16.05
CA ILE C 185 27.71 7.12 -16.02
C ILE C 185 29.01 7.04 -16.79
N LEU C 186 30.06 6.52 -16.14
CA LEU C 186 31.30 6.28 -16.86
C LEU C 186 31.33 4.93 -17.53
N SER C 187 30.63 3.94 -16.96
CA SER C 187 30.56 2.61 -17.56
C SER C 187 29.62 1.75 -16.73
N ALA C 188 29.10 0.72 -17.36
CA ALA C 188 28.22 -0.21 -16.69
C ALA C 188 28.31 -1.55 -17.40
N THR C 189 28.43 -2.62 -16.63
CA THR C 189 28.47 -3.96 -17.18
C THR C 189 27.41 -4.81 -16.51
N GLN C 190 27.03 -5.90 -17.16
CA GLN C 190 26.10 -6.86 -16.60
C GLN C 190 26.65 -8.24 -16.88
N THR C 191 26.82 -9.07 -15.83
CA THR C 191 27.55 -10.32 -15.95
C THR C 191 26.94 -11.42 -15.09
N LYS C 192 26.66 -12.58 -15.71
CA LYS C 192 26.11 -13.72 -14.96
C LYS C 192 27.18 -14.35 -14.08
N HIS C 193 26.76 -14.82 -12.90
CA HIS C 193 27.64 -15.55 -12.00
C HIS C 193 26.83 -16.63 -11.30
N ASP C 194 27.55 -17.63 -10.78
CA ASP C 194 26.98 -18.70 -9.96
C ASP C 194 27.52 -18.56 -8.54
N ILE C 195 26.71 -18.93 -7.56
CA ILE C 195 27.10 -18.71 -6.17
C ILE C 195 26.34 -19.68 -5.28
N LYS C 196 27.00 -20.13 -4.22
CA LYS C 196 26.37 -20.92 -3.19
C LYS C 196 26.21 -20.07 -1.93
N TYR C 197 25.13 -20.34 -1.20
CA TYR C 197 24.84 -19.68 0.06
C TYR C 197 24.89 -20.70 1.18
N ASN C 198 25.01 -20.21 2.41
CA ASN C 198 25.23 -21.10 3.56
C ASN C 198 23.99 -21.95 3.84
N CYS C 199 22.80 -21.35 3.74
CA CYS C 199 21.54 -22.06 4.02
C CYS C 199 21.41 -23.37 3.26
N CYS C 200 22.03 -23.48 2.10
CA CYS C 200 21.49 -24.32 1.04
C CYS C 200 22.58 -24.99 0.24
N GLU C 201 22.29 -26.21 -0.24
CA GLU C 201 23.25 -26.94 -1.05
C GLU C 201 23.25 -26.45 -2.50
N GLU C 202 22.07 -26.11 -3.03
CA GLU C 202 21.91 -25.80 -4.44
C GLU C 202 22.59 -24.48 -4.81
N ILE C 203 23.00 -24.43 -6.04
CA ILE C 203 23.71 -23.32 -6.66
C ILE C 203 22.68 -22.33 -7.20
N TYR C 204 22.95 -21.03 -7.02
CA TYR C 204 22.06 -19.98 -7.52
C TYR C 204 22.79 -19.14 -8.55
N THR C 205 22.03 -18.48 -9.42
CA THR C 205 22.57 -17.65 -10.49
C THR C 205 22.04 -16.23 -10.38
N ASP C 206 22.93 -15.26 -10.54
CA ASP C 206 22.53 -13.87 -10.56
C ASP C 206 23.23 -13.16 -11.72
N VAL C 207 22.72 -11.98 -12.08
CA VAL C 207 23.37 -11.07 -13.00
C VAL C 207 23.85 -9.88 -12.19
N ASN C 208 25.15 -9.62 -12.25
CA ASN C 208 25.76 -8.53 -11.49
C ASN C 208 25.82 -7.29 -12.38
N LEU C 209 25.23 -6.20 -11.90
CA LEU C 209 25.31 -4.90 -12.55
C LEU C 209 26.38 -4.09 -11.83
N VAL C 210 27.46 -3.75 -12.54
CA VAL C 210 28.53 -2.90 -12.00
C VAL C 210 28.45 -1.55 -12.70
N VAL C 211 28.48 -0.46 -11.92
CA VAL C 211 28.37 0.89 -12.49
C VAL C 211 29.47 1.78 -11.92
N LYS C 212 30.24 2.41 -12.81
CA LYS C 212 31.13 3.51 -12.44
C LYS C 212 30.46 4.83 -12.81
N PHE C 213 30.35 5.73 -11.85
CA PHE C 213 29.66 7.00 -12.05
C PHE C 213 30.37 8.09 -11.29
N ARG C 214 30.05 9.35 -11.63
CA ARG C 214 30.63 10.50 -10.95
C ARG C 214 29.75 11.72 -11.17
N GLU C 215 29.98 12.75 -10.36
CA GLU C 215 29.19 13.98 -10.43
C GLU C 215 29.30 14.70 -11.76
N LEU D 9 -37.07 5.06 -9.30
CA LEU D 9 -37.25 3.62 -9.13
C LEU D 9 -37.06 2.87 -10.46
N HIS D 10 -37.94 3.16 -11.44
CA HIS D 10 -37.73 2.60 -12.77
C HIS D 10 -36.40 3.07 -13.34
N SER D 11 -36.02 4.31 -13.04
CA SER D 11 -34.72 4.84 -13.45
C SER D 11 -33.58 3.95 -12.94
N GLN D 12 -33.61 3.58 -11.66
CA GLN D 12 -32.53 2.77 -11.11
C GLN D 12 -32.46 1.41 -11.80
N ALA D 13 -33.61 0.77 -12.03
CA ALA D 13 -33.57 -0.55 -12.64
C ALA D 13 -33.03 -0.48 -14.06
N ASN D 14 -33.36 0.60 -14.79
CA ASN D 14 -32.81 0.78 -16.14
C ASN D 14 -31.29 0.90 -16.13
N LEU D 15 -30.74 1.66 -15.18
CA LEU D 15 -29.30 1.78 -15.07
C LEU D 15 -28.66 0.43 -14.76
N MET D 16 -29.29 -0.38 -13.90
CA MET D 16 -28.69 -1.67 -13.60
C MET D 16 -28.75 -2.60 -14.78
N ARG D 17 -29.90 -2.63 -15.46
CA ARG D 17 -30.04 -3.45 -16.64
C ARG D 17 -29.01 -3.06 -17.70
N LEU D 18 -28.79 -1.75 -17.87
CA LEU D 18 -27.80 -1.29 -18.83
C LEU D 18 -26.40 -1.80 -18.49
N LYS D 19 -26.01 -1.70 -17.21
CA LYS D 19 -24.68 -2.18 -16.83
C LYS D 19 -24.55 -3.68 -17.07
N SER D 20 -25.61 -4.44 -16.80
CA SER D 20 -25.54 -5.88 -17.02
C SER D 20 -25.43 -6.23 -18.49
N ASP D 21 -26.22 -5.56 -19.33
CA ASP D 21 -26.15 -5.80 -20.77
C ASP D 21 -24.75 -5.53 -21.29
N LEU D 22 -24.14 -4.42 -20.88
CA LEU D 22 -22.79 -4.09 -21.32
C LEU D 22 -21.77 -5.05 -20.72
N PHE D 23 -21.90 -5.35 -19.43
CA PHE D 23 -20.82 -6.02 -18.72
C PHE D 23 -20.95 -7.54 -18.68
N ASN D 24 -22.12 -8.10 -18.94
CA ASN D 24 -22.26 -9.56 -18.99
C ASN D 24 -22.85 -10.04 -20.32
N TYR D 29 -14.57 -6.33 -24.46
CA TYR D 29 -13.50 -5.64 -25.18
C TYR D 29 -12.12 -6.04 -24.62
N PRO D 30 -11.26 -6.60 -25.47
CA PRO D 30 -9.96 -7.12 -25.01
C PRO D 30 -8.77 -6.18 -25.19
N GLY D 31 -8.99 -4.91 -25.51
CA GLY D 31 -7.90 -4.01 -25.81
C GLY D 31 -7.76 -3.77 -27.31
N PRO D 32 -7.03 -2.72 -27.70
CA PRO D 32 -6.86 -2.43 -29.11
C PRO D 32 -5.87 -3.39 -29.77
N THR D 33 -6.06 -3.58 -31.08
CA THR D 33 -5.15 -4.39 -31.88
C THR D 33 -4.72 -3.59 -33.11
N LYS D 34 -3.87 -4.21 -33.92
CA LYS D 34 -3.48 -3.58 -35.19
C LYS D 34 -4.67 -3.50 -36.14
N ASP D 35 -5.56 -4.50 -36.10
CA ASP D 35 -6.73 -4.52 -36.97
C ASP D 35 -7.86 -3.66 -36.42
N ASP D 36 -7.83 -3.33 -35.14
CA ASP D 36 -8.88 -2.54 -34.50
C ASP D 36 -8.21 -1.57 -33.54
N PRO D 37 -7.49 -0.59 -34.09
CA PRO D 37 -6.75 0.35 -33.24
C PRO D 37 -7.70 1.33 -32.57
N LEU D 38 -7.19 1.95 -31.51
CA LEU D 38 -7.97 2.85 -30.68
C LEU D 38 -7.29 4.21 -30.66
N THR D 39 -8.09 5.26 -30.83
CA THR D 39 -7.62 6.62 -30.66
C THR D 39 -7.97 7.08 -29.26
N VAL D 40 -6.96 7.50 -28.51
CA VAL D 40 -7.10 8.03 -27.16
C VAL D 40 -6.66 9.48 -27.20
N THR D 41 -7.55 10.39 -26.80
CA THR D 41 -7.22 11.81 -26.79
C THR D 41 -6.74 12.21 -25.40
N LEU D 42 -5.60 12.91 -25.35
CA LEU D 42 -4.96 13.32 -24.10
C LEU D 42 -4.98 14.83 -24.00
N GLY D 43 -5.19 15.33 -22.78
CA GLY D 43 -5.07 16.74 -22.47
C GLY D 43 -4.67 16.96 -21.02
N PHE D 44 -3.79 17.93 -20.79
CA PHE D 44 -3.30 18.23 -19.45
C PHE D 44 -3.83 19.57 -18.95
N THR D 45 -4.25 19.60 -17.70
CA THR D 45 -4.49 20.82 -16.95
C THR D 45 -3.47 20.87 -15.82
N LEU D 46 -2.63 21.90 -15.83
CA LEU D 46 -1.59 22.03 -14.82
C LEU D 46 -2.08 22.87 -13.65
N GLN D 47 -2.12 22.25 -12.47
CA GLN D 47 -2.59 22.93 -11.26
C GLN D 47 -1.48 23.52 -10.42
N ASP D 48 -0.27 22.96 -10.42
CA ASP D 48 0.74 23.49 -9.52
C ASP D 48 2.08 22.82 -9.82
N ILE D 49 3.16 23.60 -9.76
CA ILE D 49 4.49 23.05 -9.57
C ILE D 49 4.77 23.20 -8.08
N VAL D 50 4.72 22.07 -7.36
CA VAL D 50 4.84 22.14 -5.92
C VAL D 50 6.29 22.41 -5.52
N LYS D 51 7.22 21.74 -6.17
CA LYS D 51 8.56 21.63 -5.63
C LYS D 51 9.53 21.38 -6.79
N ALA D 52 10.68 22.03 -6.75
CA ALA D 52 11.76 21.75 -7.68
C ALA D 52 13.03 21.58 -6.87
N ASP D 53 13.69 20.45 -7.03
CA ASP D 53 14.78 19.98 -6.18
C ASP D 53 16.07 19.95 -6.99
N SER D 54 16.97 20.92 -6.73
CA SER D 54 18.22 21.02 -7.49
C SER D 54 19.31 20.11 -6.97
N SER D 55 19.10 19.44 -5.84
CA SER D 55 20.05 18.44 -5.40
C SER D 55 19.83 17.07 -6.06
N THR D 56 18.62 16.78 -6.53
CA THR D 56 18.32 15.49 -7.17
C THR D 56 17.82 15.64 -8.60
N ASN D 57 17.63 16.87 -9.07
CA ASN D 57 16.99 17.17 -10.37
C ASN D 57 15.66 16.42 -10.57
N GLU D 58 14.77 16.63 -9.60
CA GLU D 58 13.40 16.17 -9.70
C GLU D 58 12.46 17.36 -9.47
N VAL D 59 11.38 17.40 -10.24
CA VAL D 59 10.36 18.42 -10.10
C VAL D 59 9.02 17.71 -9.91
N ASP D 60 8.16 18.27 -9.08
CA ASP D 60 6.89 17.67 -8.70
C ASP D 60 5.76 18.51 -9.27
N LEU D 61 4.90 17.89 -10.09
CA LEU D 61 3.75 18.53 -10.73
C LEU D 61 2.43 17.95 -10.21
N VAL D 62 1.43 18.81 -10.05
CA VAL D 62 0.05 18.39 -9.84
C VAL D 62 -0.73 18.81 -11.06
N TYR D 63 -1.41 17.86 -11.69
CA TYR D 63 -2.11 18.12 -12.94
C TYR D 63 -3.30 17.18 -13.02
N TRP D 64 -4.22 17.51 -13.92
CA TRP D 64 -5.31 16.63 -14.32
C TRP D 64 -5.00 16.13 -15.72
N GLU D 65 -5.06 14.81 -15.91
CA GLU D 65 -4.78 14.19 -17.20
C GLU D 65 -6.10 13.75 -17.81
N GLN D 66 -6.60 14.49 -18.79
CA GLN D 66 -7.86 14.12 -19.40
C GLN D 66 -7.63 13.08 -20.50
N GLN D 67 -8.32 11.96 -20.38
CA GLN D 67 -8.25 10.87 -21.34
C GLN D 67 -9.64 10.63 -21.90
N ARG D 68 -9.72 10.43 -23.21
CA ARG D 68 -11.01 10.15 -23.84
C ARG D 68 -10.83 9.11 -24.94
N TRP D 69 -11.74 8.15 -25.01
CA TRP D 69 -11.76 7.16 -26.08
C TRP D 69 -13.21 6.74 -26.28
N LYS D 70 -13.44 5.89 -27.29
CA LYS D 70 -14.80 5.56 -27.70
C LYS D 70 -14.82 4.13 -28.24
N LEU D 71 -15.72 3.30 -27.71
CA LEU D 71 -15.80 1.88 -28.03
C LEU D 71 -17.21 1.50 -28.46
N ASN D 72 -17.32 0.83 -29.62
CA ASN D 72 -18.62 0.32 -30.06
C ASN D 72 -19.27 -0.55 -28.99
N SER D 73 -18.47 -1.35 -28.28
CA SER D 73 -19.05 -2.27 -27.29
C SER D 73 -19.57 -1.54 -26.06
N LEU D 74 -19.46 -0.21 -26.00
CA LEU D 74 -20.02 0.55 -24.90
C LEU D 74 -21.19 1.43 -25.33
N MET D 75 -21.64 1.30 -26.58
CA MET D 75 -22.75 2.10 -27.08
C MET D 75 -24.08 1.50 -26.69
N TRP D 76 -25.09 2.35 -26.52
CA TRP D 76 -26.44 1.86 -26.30
C TRP D 76 -27.41 2.93 -26.76
N ASP D 77 -28.62 2.47 -27.13
CA ASP D 77 -29.72 3.38 -27.44
C ASP D 77 -30.37 3.81 -26.13
N PRO D 78 -30.35 5.11 -25.79
CA PRO D 78 -31.03 5.55 -24.57
C PRO D 78 -32.50 5.17 -24.55
N ASN D 79 -33.13 5.15 -25.73
CA ASN D 79 -34.54 4.80 -25.84
C ASN D 79 -34.82 3.43 -25.21
N GLU D 80 -33.87 2.50 -25.30
CA GLU D 80 -34.05 1.17 -24.72
C GLU D 80 -33.67 1.10 -23.25
N TYR D 81 -33.28 2.22 -22.62
CA TYR D 81 -32.82 2.20 -21.22
C TYR D 81 -33.25 3.47 -20.49
N GLY D 82 -34.55 3.77 -20.53
CA GLY D 82 -35.07 4.91 -19.79
C GLY D 82 -34.50 6.26 -20.19
N ASN D 83 -34.01 6.39 -21.42
CA ASN D 83 -33.37 7.62 -21.88
C ASN D 83 -32.13 7.97 -21.05
N ILE D 84 -31.43 6.95 -20.53
CA ILE D 84 -30.17 7.17 -19.84
C ILE D 84 -29.06 7.47 -20.85
N THR D 85 -28.30 8.54 -20.60
CA THR D 85 -27.26 8.96 -21.52
C THR D 85 -25.83 8.82 -21.01
N ASP D 86 -25.62 8.71 -19.68
CA ASP D 86 -24.30 8.51 -19.10
C ASP D 86 -24.41 7.62 -17.88
N PHE D 87 -23.31 6.96 -17.53
CA PHE D 87 -23.23 6.37 -16.21
C PHE D 87 -21.80 6.40 -15.70
N ARG D 88 -21.67 6.21 -14.39
CA ARG D 88 -20.38 6.17 -13.73
C ARG D 88 -20.00 4.74 -13.43
N THR D 89 -18.70 4.47 -13.47
CA THR D 89 -18.19 3.11 -13.31
C THR D 89 -16.77 3.21 -12.79
N SER D 90 -16.41 2.25 -11.94
CA SER D 90 -15.04 2.17 -11.48
C SER D 90 -14.11 1.88 -12.65
N ALA D 91 -13.00 2.62 -12.72
CA ALA D 91 -11.98 2.39 -13.74
C ALA D 91 -11.53 0.93 -13.82
N ALA D 92 -11.70 0.16 -12.74
CA ALA D 92 -11.28 -1.24 -12.71
C ALA D 92 -12.26 -2.15 -13.44
N ASP D 93 -13.48 -1.70 -13.68
CA ASP D 93 -14.50 -2.48 -14.39
C ASP D 93 -14.43 -2.33 -15.90
N ILE D 94 -13.62 -1.42 -16.43
CA ILE D 94 -13.54 -1.23 -17.87
C ILE D 94 -12.08 -1.20 -18.24
N TRP D 95 -11.80 -1.50 -19.51
CA TRP D 95 -10.45 -1.31 -20.01
C TRP D 95 -10.12 0.18 -20.00
N THR D 96 -8.87 0.51 -19.71
CA THR D 96 -8.37 1.89 -19.73
C THR D 96 -6.96 1.88 -20.27
N PRO D 97 -6.54 2.93 -20.98
CA PRO D 97 -5.20 2.93 -21.58
C PRO D 97 -4.12 3.02 -20.52
N ASP D 98 -2.96 2.45 -20.82
CA ASP D 98 -1.82 2.42 -19.90
C ASP D 98 -0.90 3.61 -20.12
N ILE D 99 -1.49 4.81 -20.23
CA ILE D 99 -0.68 6.01 -20.41
C ILE D 99 0.24 6.18 -19.20
N THR D 100 1.53 6.33 -19.45
CA THR D 100 2.54 6.45 -18.41
C THR D 100 3.47 7.61 -18.72
N ALA D 101 3.88 8.36 -17.71
CA ALA D 101 5.04 9.24 -17.88
C ALA D 101 6.31 8.41 -18.04
N TYR D 102 7.16 8.80 -19.00
CA TYR D 102 8.33 8.03 -19.40
C TYR D 102 9.59 8.40 -18.61
N SER D 103 9.49 9.32 -17.66
CA SER D 103 10.69 9.71 -16.93
C SER D 103 10.35 10.11 -15.50
N SER D 104 9.36 9.46 -14.92
CA SER D 104 9.07 9.69 -13.51
C SER D 104 10.17 9.07 -12.65
N THR D 105 10.35 9.62 -11.47
CA THR D 105 11.32 9.11 -10.54
C THR D 105 10.69 8.52 -9.29
N ARG D 106 9.38 8.63 -9.17
CA ARG D 106 8.60 8.05 -8.07
C ARG D 106 7.31 7.53 -8.68
N PRO D 107 6.67 6.56 -8.06
CA PRO D 107 5.33 6.18 -8.51
C PRO D 107 4.43 7.41 -8.48
N VAL D 108 3.61 7.54 -9.52
CA VAL D 108 2.69 8.68 -9.61
C VAL D 108 1.61 8.50 -8.55
N GLN D 109 1.23 9.59 -7.91
CA GLN D 109 0.27 9.53 -6.81
C GLN D 109 -1.09 10.02 -7.31
N VAL D 110 -2.14 9.26 -7.02
CA VAL D 110 -3.48 9.57 -7.52
C VAL D 110 -4.21 10.46 -6.52
N LEU D 111 -4.80 11.55 -7.00
CA LEU D 111 -5.45 12.53 -6.14
C LEU D 111 -6.95 12.58 -6.29
N SER D 112 -7.53 11.79 -7.18
CA SER D 112 -8.96 11.83 -7.46
C SER D 112 -9.48 10.41 -7.53
N PRO D 113 -10.79 10.21 -7.33
CA PRO D 113 -11.35 8.85 -7.39
C PRO D 113 -11.18 8.21 -8.77
N GLN D 114 -11.00 6.89 -8.77
CA GLN D 114 -10.75 6.12 -9.98
C GLN D 114 -12.09 5.73 -10.63
N ILE D 115 -12.79 6.73 -11.11
CA ILE D 115 -14.12 6.54 -11.70
C ILE D 115 -14.14 7.20 -13.08
N ALA D 116 -14.65 6.48 -14.08
CA ALA D 116 -14.83 7.00 -15.43
C ALA D 116 -16.31 7.21 -15.71
N VAL D 117 -16.59 8.06 -16.70
CA VAL D 117 -17.95 8.30 -17.16
C VAL D 117 -18.08 7.75 -18.55
N VAL D 118 -19.11 6.93 -18.77
CA VAL D 118 -19.40 6.32 -20.06
C VAL D 118 -20.66 6.96 -20.62
N THR D 119 -20.59 7.43 -21.86
CA THR D 119 -21.72 8.07 -22.51
C THR D 119 -22.26 7.17 -23.62
N HIS D 120 -23.55 7.36 -23.95
CA HIS D 120 -24.28 6.38 -24.75
C HIS D 120 -23.66 6.14 -26.12
N ASP D 121 -22.93 7.12 -26.66
CA ASP D 121 -22.23 6.92 -27.92
C ASP D 121 -21.02 6.02 -27.79
N GLY D 122 -20.76 5.46 -26.61
CA GLY D 122 -19.59 4.62 -26.42
C GLY D 122 -18.34 5.35 -26.03
N SER D 123 -18.39 6.68 -25.89
CA SER D 123 -17.23 7.44 -25.46
C SER D 123 -17.05 7.36 -23.95
N VAL D 124 -15.80 7.29 -23.52
CA VAL D 124 -15.42 7.21 -22.12
C VAL D 124 -14.59 8.45 -21.79
N MET D 125 -14.82 9.01 -20.63
CA MET D 125 -14.01 10.12 -20.15
C MET D 125 -13.43 9.75 -18.79
N PHE D 126 -12.13 9.94 -18.62
CA PHE D 126 -11.44 9.55 -17.40
C PHE D 126 -10.38 10.60 -17.14
N ILE D 127 -10.47 11.27 -15.99
CA ILE D 127 -9.62 12.43 -15.68
C ILE D 127 -8.99 12.24 -14.31
N PRO D 128 -7.92 11.45 -14.21
CA PRO D 128 -7.19 11.34 -12.93
C PRO D 128 -6.39 12.59 -12.63
N ALA D 129 -6.57 13.13 -11.42
CA ALA D 129 -5.66 14.12 -10.89
C ALA D 129 -4.47 13.40 -10.26
N GLN D 130 -3.26 13.86 -10.57
CA GLN D 130 -2.07 13.14 -10.14
C GLN D 130 -1.01 14.10 -9.64
N ARG D 131 -0.20 13.64 -8.68
CA ARG D 131 1.07 14.27 -8.39
C ARG D 131 2.20 13.45 -8.99
N LEU D 132 3.01 14.09 -9.84
CA LEU D 132 4.10 13.45 -10.56
C LEU D 132 5.45 14.03 -10.15
N SER D 133 6.41 13.14 -9.95
CA SER D 133 7.79 13.50 -9.67
C SER D 133 8.55 12.99 -10.89
N PHE D 134 9.34 13.85 -11.51
CA PHE D 134 9.97 13.45 -12.76
C PHE D 134 11.30 14.16 -12.93
N MET D 135 12.03 13.74 -13.98
CA MET D 135 13.42 14.11 -14.19
C MET D 135 13.50 15.49 -14.83
N CYS D 136 14.08 16.44 -14.09
CA CYS D 136 14.09 17.84 -14.50
C CYS D 136 15.20 18.58 -13.77
N ASP D 137 16.09 19.22 -14.52
CA ASP D 137 17.14 20.06 -13.96
C ASP D 137 16.61 21.49 -13.83
N PRO D 138 16.40 22.01 -12.63
CA PRO D 138 15.76 23.33 -12.52
C PRO D 138 16.72 24.51 -12.54
N THR D 139 17.95 24.30 -13.04
CA THR D 139 18.89 25.39 -13.21
C THR D 139 18.30 26.53 -14.05
N GLY D 140 18.47 27.76 -13.57
CA GLY D 140 17.90 28.90 -14.24
C GLY D 140 16.52 29.27 -13.77
N VAL D 141 15.99 28.58 -12.76
CA VAL D 141 14.62 28.84 -12.34
C VAL D 141 14.52 30.22 -11.67
N ASP D 142 15.63 30.70 -11.10
CA ASP D 142 15.73 32.01 -10.46
C ASP D 142 16.31 33.06 -11.40
N SER D 143 16.01 32.97 -12.68
CA SER D 143 16.41 33.96 -13.65
C SER D 143 15.17 34.36 -14.42
N GLU D 144 15.33 35.36 -15.30
CA GLU D 144 14.18 35.85 -16.07
C GLU D 144 13.65 34.78 -17.01
N GLU D 145 14.54 34.06 -17.69
CA GLU D 145 14.12 33.06 -18.67
C GLU D 145 13.65 31.77 -18.01
N GLY D 146 13.89 31.59 -16.72
CA GLY D 146 13.40 30.39 -16.04
C GLY D 146 14.12 29.13 -16.46
N ALA D 147 13.58 28.00 -15.99
CA ALA D 147 14.06 26.69 -16.40
C ALA D 147 13.04 26.05 -17.35
N THR D 148 13.49 25.07 -18.11
CA THR D 148 12.64 24.37 -19.05
C THR D 148 12.79 22.87 -18.88
N CYS D 149 11.67 22.21 -18.64
CA CYS D 149 11.68 20.77 -18.42
C CYS D 149 10.59 20.12 -19.25
N ALA D 150 10.78 18.82 -19.47
CA ALA D 150 9.96 18.11 -20.43
C ALA D 150 9.76 16.70 -19.93
N VAL D 151 8.59 16.14 -20.19
CA VAL D 151 8.29 14.76 -19.84
C VAL D 151 7.27 14.23 -20.83
N LYS D 152 7.56 13.05 -21.38
CA LYS D 152 6.72 12.42 -22.41
C LYS D 152 5.71 11.48 -21.77
N PHE D 153 4.51 11.44 -22.33
CA PHE D 153 3.47 10.51 -21.92
C PHE D 153 3.06 9.63 -23.09
N GLY D 154 2.84 8.36 -22.82
CA GLY D 154 2.29 7.47 -23.83
C GLY D 154 2.15 6.08 -23.26
N SER D 155 1.54 5.21 -24.07
CA SER D 155 1.33 3.82 -23.67
C SER D 155 2.65 3.13 -23.35
N TRP D 156 2.62 2.23 -22.38
CA TRP D 156 3.84 1.52 -22.03
C TRP D 156 4.09 0.33 -22.94
N VAL D 157 3.03 -0.33 -23.42
CA VAL D 157 3.18 -1.56 -24.18
C VAL D 157 2.44 -1.57 -25.52
N TYR D 158 1.72 -0.51 -25.88
CA TYR D 158 1.00 -0.46 -27.15
C TYR D 158 1.70 0.48 -28.09
N SER D 159 1.84 0.06 -29.35
CA SER D 159 2.50 0.89 -30.34
C SER D 159 1.49 1.84 -30.98
N GLY D 160 2.02 2.78 -31.76
CA GLY D 160 1.19 3.73 -32.48
C GLY D 160 0.23 3.10 -33.46
N PHE D 161 0.40 1.80 -33.75
CA PHE D 161 -0.51 1.03 -34.60
C PHE D 161 -1.68 0.44 -33.82
N GLU D 162 -1.57 0.28 -32.50
CA GLU D 162 -2.67 -0.14 -31.65
C GLU D 162 -3.34 1.01 -30.93
N ILE D 163 -2.56 1.91 -30.33
CA ILE D 163 -3.10 3.05 -29.60
C ILE D 163 -2.59 4.31 -30.27
N ASP D 164 -3.51 5.04 -30.90
CA ASP D 164 -3.22 6.27 -31.60
C ASP D 164 -3.49 7.41 -30.64
N LEU D 165 -2.46 8.16 -30.26
CA LEU D 165 -2.61 9.30 -29.37
C LEU D 165 -2.85 10.58 -30.16
N LYS D 166 -3.72 11.44 -29.64
CA LYS D 166 -3.86 12.78 -30.19
C LYS D 166 -4.24 13.74 -29.06
N THR D 167 -4.06 15.04 -29.33
CA THR D 167 -4.50 16.11 -28.45
C THR D 167 -5.47 17.02 -29.21
N ASP D 168 -6.33 17.69 -28.47
CA ASP D 168 -7.23 18.68 -29.06
C ASP D 168 -6.52 20.01 -29.31
N THR D 169 -5.40 20.25 -28.63
CA THR D 169 -4.68 21.52 -28.64
C THR D 169 -3.26 21.26 -28.14
N ASP D 170 -2.32 22.08 -28.60
CA ASP D 170 -0.94 22.07 -28.09
C ASP D 170 -0.78 22.94 -26.85
N GLN D 171 -1.83 23.63 -26.42
CA GLN D 171 -1.75 24.52 -25.29
C GLN D 171 -2.24 23.76 -24.05
N VAL D 172 -1.36 23.66 -23.06
CA VAL D 172 -1.76 23.12 -21.77
C VAL D 172 -2.73 24.08 -21.12
N ASP D 173 -3.82 23.55 -20.58
CA ASP D 173 -4.77 24.40 -19.88
C ASP D 173 -4.10 24.97 -18.64
N LEU D 174 -3.90 26.28 -18.62
CA LEU D 174 -3.34 26.94 -17.45
C LEU D 174 -4.38 27.76 -16.70
N SER D 175 -5.66 27.63 -17.06
CA SER D 175 -6.67 28.47 -16.42
C SER D 175 -6.83 28.18 -14.94
N SER D 176 -6.51 26.98 -14.48
CA SER D 176 -6.64 26.59 -13.07
C SER D 176 -5.36 26.66 -12.30
N TYR D 177 -4.28 27.20 -12.87
CA TYR D 177 -2.97 27.06 -12.26
C TYR D 177 -2.92 27.87 -10.96
N TYR D 178 -2.40 27.26 -9.89
CA TYR D 178 -2.42 27.87 -8.57
C TYR D 178 -1.69 29.21 -8.55
N ALA D 179 -2.47 30.29 -8.38
CA ALA D 179 -1.97 31.66 -8.46
C ALA D 179 -0.91 32.01 -7.42
N SER D 180 -0.83 31.31 -6.28
CA SER D 180 0.23 31.62 -5.32
C SER D 180 1.27 30.50 -5.22
N SER D 181 1.39 29.67 -6.25
CA SER D 181 2.48 28.72 -6.34
C SER D 181 3.83 29.41 -6.15
N LYS D 182 4.83 28.65 -5.71
CA LYS D 182 6.19 29.19 -5.69
C LYS D 182 6.67 29.54 -7.09
N TYR D 183 6.15 28.86 -8.11
CA TYR D 183 6.67 28.97 -9.46
C TYR D 183 5.57 29.43 -10.41
N GLU D 184 5.89 30.40 -11.24
CA GLU D 184 4.94 30.82 -12.26
C GLU D 184 5.30 30.16 -13.58
N ILE D 185 4.27 29.87 -14.37
CA ILE D 185 4.41 29.22 -15.66
C ILE D 185 4.60 30.29 -16.72
N LEU D 186 5.68 30.17 -17.49
CA LEU D 186 5.85 31.03 -18.66
C LEU D 186 5.29 30.41 -19.92
N SER D 187 5.42 29.11 -20.10
CA SER D 187 4.65 28.44 -21.14
C SER D 187 4.60 26.96 -20.82
N ALA D 188 3.57 26.32 -21.36
CA ALA D 188 3.34 24.90 -21.16
C ALA D 188 2.59 24.36 -22.37
N THR D 189 3.23 23.42 -23.08
CA THR D 189 2.69 22.84 -24.28
C THR D 189 2.65 21.32 -24.19
N GLN D 190 1.78 20.73 -25.01
CA GLN D 190 1.56 19.30 -25.06
C GLN D 190 1.46 18.87 -26.52
N THR D 191 2.52 18.29 -27.05
CA THR D 191 2.61 18.05 -28.49
C THR D 191 2.64 16.55 -28.76
N LYS D 192 1.69 16.07 -29.57
CA LYS D 192 1.79 14.71 -30.07
C LYS D 192 3.00 14.62 -30.99
N HIS D 193 3.72 13.49 -30.94
CA HIS D 193 4.73 13.25 -31.95
C HIS D 193 4.79 11.77 -32.31
N ASP D 194 4.93 11.50 -33.60
CA ASP D 194 5.11 10.16 -34.12
C ASP D 194 6.59 9.91 -34.36
N ILE D 195 7.07 8.75 -33.92
CA ILE D 195 8.48 8.38 -34.00
C ILE D 195 8.57 6.97 -34.54
N LYS D 196 9.58 6.73 -35.38
CA LYS D 196 9.94 5.38 -35.78
C LYS D 196 11.35 5.08 -35.29
N TYR D 197 11.52 3.95 -34.61
CA TYR D 197 12.84 3.40 -34.35
C TYR D 197 13.26 2.58 -35.57
N ASN D 198 14.57 2.53 -35.84
CA ASN D 198 14.97 1.59 -36.89
C ASN D 198 15.01 0.15 -36.37
N CYS D 199 15.09 -0.04 -35.04
CA CYS D 199 14.89 -1.38 -34.46
C CYS D 199 13.63 -2.05 -34.95
N CYS D 200 12.58 -1.27 -35.17
CA CYS D 200 11.23 -1.81 -35.18
C CYS D 200 10.45 -1.15 -36.34
N GLU D 201 9.43 -1.84 -36.82
CA GLU D 201 8.75 -1.37 -38.03
C GLU D 201 7.57 -0.45 -37.75
N GLU D 202 7.00 -0.52 -36.55
CA GLU D 202 5.77 0.19 -36.21
C GLU D 202 6.05 1.64 -35.79
N ILE D 203 5.04 2.49 -35.93
CA ILE D 203 5.11 3.87 -35.45
C ILE D 203 4.88 3.89 -33.94
N TYR D 204 5.57 4.81 -33.25
CA TYR D 204 5.33 5.02 -31.82
C TYR D 204 4.94 6.48 -31.60
N THR D 205 4.14 6.69 -30.57
CA THR D 205 3.53 8.01 -30.35
C THR D 205 3.56 8.37 -28.88
N ASP D 206 3.91 9.63 -28.61
CA ASP D 206 3.88 10.16 -27.27
C ASP D 206 3.41 11.61 -27.33
N VAL D 207 3.02 12.13 -26.17
CA VAL D 207 2.68 13.53 -25.98
C VAL D 207 3.74 14.12 -25.07
N ASN D 208 4.45 15.14 -25.58
CA ASN D 208 5.59 15.73 -24.88
C ASN D 208 5.10 16.96 -24.12
N LEU D 209 5.15 16.90 -22.80
CA LEU D 209 4.77 18.01 -21.96
C LEU D 209 6.02 18.83 -21.68
N VAL D 210 6.04 20.06 -22.14
CA VAL D 210 7.18 20.95 -22.00
C VAL D 210 6.70 22.16 -21.20
N VAL D 211 7.36 22.43 -20.08
CA VAL D 211 6.97 23.49 -19.16
C VAL D 211 8.17 24.40 -18.99
N LYS D 212 7.94 25.70 -19.17
CA LYS D 212 8.90 26.72 -18.84
C LYS D 212 8.37 27.51 -17.66
N PHE D 213 9.18 27.61 -16.61
CA PHE D 213 8.70 28.13 -15.35
C PHE D 213 9.84 28.83 -14.65
N ARG D 214 9.48 29.65 -13.68
CA ARG D 214 10.49 30.34 -12.89
C ARG D 214 9.88 30.75 -11.55
N GLU D 215 10.74 31.06 -10.60
CA GLU D 215 10.27 31.47 -9.28
C GLU D 215 9.50 32.78 -9.40
N ARG D 216 8.38 32.84 -8.69
CA ARG D 216 7.54 34.03 -8.62
C ARG D 216 8.31 35.22 -8.04
N LEU E 9 -29.36 -12.80 20.72
CA LEU E 9 -29.83 -14.05 20.13
C LEU E 9 -30.88 -13.77 19.04
N HIS E 10 -32.07 -13.31 19.45
CA HIS E 10 -33.10 -12.94 18.49
C HIS E 10 -32.75 -11.64 17.80
N SER E 11 -32.04 -10.74 18.50
CA SER E 11 -31.64 -9.47 17.90
C SER E 11 -30.54 -9.67 16.88
N GLN E 12 -29.52 -10.47 17.22
CA GLN E 12 -28.49 -10.79 16.23
C GLN E 12 -29.10 -11.35 14.96
N ALA E 13 -30.13 -12.20 15.10
CA ALA E 13 -30.79 -12.77 13.94
C ALA E 13 -31.58 -11.71 13.18
N ASN E 14 -32.22 -10.80 13.92
CA ASN E 14 -32.91 -9.68 13.30
C ASN E 14 -31.93 -8.80 12.52
N LEU E 15 -30.84 -8.39 13.17
CA LEU E 15 -29.84 -7.58 12.48
C LEU E 15 -29.31 -8.28 11.25
N MET E 16 -29.00 -9.57 11.35
CA MET E 16 -28.53 -10.29 10.18
C MET E 16 -29.62 -10.36 9.11
N ARG E 17 -30.88 -10.47 9.55
CA ARG E 17 -32.00 -10.50 8.61
C ARG E 17 -32.15 -9.16 7.90
N LEU E 18 -32.15 -8.06 8.67
CA LEU E 18 -32.24 -6.74 8.09
C LEU E 18 -31.20 -6.54 7.00
N LYS E 19 -29.94 -6.83 7.31
CA LYS E 19 -28.85 -6.58 6.36
C LYS E 19 -28.99 -7.44 5.12
N SER E 20 -29.45 -8.69 5.28
CA SER E 20 -29.63 -9.54 4.12
C SER E 20 -30.76 -9.05 3.22
N ASP E 21 -31.85 -8.54 3.81
CA ASP E 21 -32.95 -7.99 3.03
C ASP E 21 -32.53 -6.75 2.25
N LEU E 22 -31.73 -5.87 2.87
CA LEU E 22 -31.31 -4.64 2.22
C LEU E 22 -30.24 -4.91 1.15
N PHE E 23 -29.39 -5.89 1.39
CA PHE E 23 -28.29 -6.21 0.48
C PHE E 23 -28.60 -7.42 -0.40
N TYR E 29 -28.66 -0.01 -4.88
CA TYR E 29 -28.60 1.38 -5.31
C TYR E 29 -27.37 1.68 -6.19
N PRO E 30 -27.60 2.10 -7.43
CA PRO E 30 -26.51 2.30 -8.38
C PRO E 30 -25.81 3.65 -8.29
N GLY E 31 -26.18 4.52 -7.36
CA GLY E 31 -25.70 5.88 -7.37
C GLY E 31 -26.74 6.78 -7.99
N PRO E 32 -26.60 8.09 -7.79
CA PRO E 32 -27.61 9.04 -8.25
C PRO E 32 -27.54 9.24 -9.75
N THR E 33 -28.67 9.67 -10.31
CA THR E 33 -28.80 9.93 -11.75
C THR E 33 -29.59 11.22 -11.92
N LYS E 34 -29.67 11.69 -13.17
CA LYS E 34 -30.41 12.93 -13.45
C LYS E 34 -31.89 12.78 -13.13
N ASP E 35 -32.45 11.59 -13.35
CA ASP E 35 -33.84 11.33 -12.99
C ASP E 35 -34.03 11.14 -11.49
N ASP E 36 -33.01 10.65 -10.80
CA ASP E 36 -33.08 10.26 -9.39
C ASP E 36 -31.90 10.93 -8.68
N PRO E 37 -31.90 12.26 -8.61
CA PRO E 37 -30.77 12.97 -8.01
C PRO E 37 -30.78 12.86 -6.49
N LEU E 38 -29.60 13.04 -5.91
CA LEU E 38 -29.38 12.81 -4.50
C LEU E 38 -28.83 14.07 -3.85
N THR E 39 -29.42 14.47 -2.73
CA THR E 39 -28.89 15.56 -1.92
C THR E 39 -27.88 15.00 -0.93
N VAL E 40 -26.69 15.56 -0.92
CA VAL E 40 -25.63 15.20 0.03
C VAL E 40 -25.31 16.43 0.86
N THR E 41 -25.26 16.26 2.18
CA THR E 41 -24.98 17.35 3.11
C THR E 41 -23.59 17.20 3.68
N LEU E 42 -22.83 18.31 3.66
CA LEU E 42 -21.41 18.34 3.96
C LEU E 42 -21.15 19.32 5.09
N GLY E 43 -20.26 18.95 6.01
CA GLY E 43 -19.84 19.85 7.06
C GLY E 43 -18.46 19.47 7.52
N PHE E 44 -17.73 20.46 8.04
CA PHE E 44 -16.34 20.24 8.41
C PHE E 44 -16.14 20.62 9.87
N THR E 45 -15.40 19.78 10.57
CA THR E 45 -14.92 20.08 11.91
C THR E 45 -13.40 20.11 11.84
N LEU E 46 -12.84 21.30 11.97
CA LEU E 46 -11.41 21.49 11.82
C LEU E 46 -10.73 21.16 13.14
N GLN E 47 -9.84 20.16 13.12
CA GLN E 47 -9.14 19.71 14.32
C GLN E 47 -7.80 20.39 14.52
N ASP E 48 -7.04 20.56 13.44
CA ASP E 48 -5.68 21.06 13.63
C ASP E 48 -5.13 21.50 12.28
N ILE E 49 -4.43 22.63 12.29
CA ILE E 49 -3.49 22.98 11.24
C ILE E 49 -2.14 22.51 11.74
N VAL E 50 -1.62 21.44 11.14
CA VAL E 50 -0.44 20.76 11.67
C VAL E 50 0.84 21.49 11.27
N LYS E 51 0.92 21.91 10.01
CA LYS E 51 2.16 22.36 9.42
C LYS E 51 1.86 23.30 8.27
N ALA E 52 2.65 24.35 8.17
CA ALA E 52 2.62 25.27 7.05
C ALA E 52 4.03 25.29 6.49
N ASP E 53 4.15 25.17 5.18
CA ASP E 53 5.44 24.98 4.54
C ASP E 53 5.63 26.06 3.46
N SER E 54 6.28 27.16 3.83
CA SER E 54 6.45 28.27 2.90
C SER E 54 7.48 27.99 1.82
N SER E 55 8.13 26.83 1.83
CA SER E 55 9.06 26.48 0.77
C SER E 55 8.38 25.79 -0.40
N THR E 56 7.21 25.19 -0.19
CA THR E 56 6.40 24.62 -1.25
C THR E 56 5.00 25.20 -1.30
N ASN E 57 4.62 26.00 -0.31
CA ASN E 57 3.24 26.45 -0.15
C ASN E 57 2.24 25.30 -0.15
N GLU E 58 2.52 24.32 0.69
CA GLU E 58 1.55 23.34 1.13
C GLU E 58 1.25 23.55 2.61
N VAL E 59 -0.01 23.41 3.00
CA VAL E 59 -0.40 23.38 4.41
C VAL E 59 -1.15 22.08 4.68
N ASP E 60 -0.99 21.56 5.90
CA ASP E 60 -1.56 20.27 6.30
C ASP E 60 -2.68 20.49 7.32
N LEU E 61 -3.87 19.98 7.02
CA LEU E 61 -5.01 20.04 7.92
C LEU E 61 -5.39 18.65 8.43
N VAL E 62 -5.86 18.60 9.68
CA VAL E 62 -6.62 17.46 10.18
C VAL E 62 -8.05 17.94 10.41
N TYR E 63 -9.02 17.27 9.79
CA TYR E 63 -10.41 17.68 9.91
C TYR E 63 -11.31 16.45 9.87
N TRP E 64 -12.54 16.62 10.35
CA TRP E 64 -13.61 15.64 10.16
C TRP E 64 -14.56 16.13 9.07
N GLU E 65 -14.94 15.23 8.17
CA GLU E 65 -15.82 15.54 7.04
C GLU E 65 -17.14 14.80 7.21
N GLN E 66 -18.16 15.48 7.73
CA GLN E 66 -19.47 14.86 7.89
C GLN E 66 -20.24 14.84 6.58
N GLN E 67 -20.63 13.65 6.13
CA GLN E 67 -21.43 13.51 4.93
C GLN E 67 -22.77 12.87 5.29
N ARG E 68 -23.85 13.37 4.71
CA ARG E 68 -25.17 12.84 5.01
C ARG E 68 -26.02 12.77 3.76
N TRP E 69 -26.73 11.64 3.59
CA TRP E 69 -27.68 11.45 2.51
C TRP E 69 -28.71 10.40 2.94
N LYS E 70 -29.86 10.39 2.25
CA LYS E 70 -30.95 9.45 2.56
C LYS E 70 -31.37 8.73 1.29
N LEU E 71 -31.71 7.45 1.43
CA LEU E 71 -32.09 6.61 0.32
C LEU E 71 -33.30 5.79 0.71
N ASN E 72 -34.28 5.70 -0.20
CA ASN E 72 -35.45 4.88 0.04
C ASN E 72 -35.10 3.40 0.15
N SER E 73 -34.09 2.94 -0.59
CA SER E 73 -33.74 1.53 -0.58
C SER E 73 -33.04 1.09 0.72
N LEU E 74 -32.76 2.03 1.63
CA LEU E 74 -32.22 1.70 2.95
C LEU E 74 -33.24 1.96 4.05
N MET E 75 -34.49 2.25 3.70
CA MET E 75 -35.52 2.44 4.71
C MET E 75 -36.04 1.09 5.20
N TRP E 76 -36.37 1.04 6.48
CA TRP E 76 -37.07 -0.12 7.02
C TRP E 76 -37.95 0.33 8.18
N ASP E 77 -38.85 -0.56 8.57
CA ASP E 77 -39.68 -0.36 9.73
C ASP E 77 -39.09 -1.13 10.90
N PRO E 78 -38.67 -0.46 11.98
CA PRO E 78 -37.98 -1.18 13.07
C PRO E 78 -38.80 -2.28 13.70
N ASN E 79 -40.13 -2.14 13.74
CA ASN E 79 -40.97 -3.18 14.35
C ASN E 79 -40.92 -4.47 13.55
N GLU E 80 -40.63 -4.40 12.24
CA GLU E 80 -40.44 -5.64 11.51
C GLU E 80 -39.09 -6.28 11.77
N TYR E 81 -38.25 -5.68 12.61
CA TYR E 81 -36.86 -6.12 12.78
C TYR E 81 -36.39 -5.94 14.22
N GLY E 82 -37.16 -6.44 15.18
CA GLY E 82 -36.75 -6.41 16.57
C GLY E 82 -36.47 -5.03 17.11
N ASN E 83 -37.09 -4.00 16.53
CA ASN E 83 -36.98 -2.61 16.97
C ASN E 83 -35.59 -2.02 16.72
N ILE E 84 -34.77 -2.66 15.88
CA ILE E 84 -33.50 -2.08 15.43
C ILE E 84 -33.74 -0.76 14.71
N THR E 85 -33.04 0.31 15.13
CA THR E 85 -33.14 1.60 14.44
C THR E 85 -31.89 2.03 13.67
N ASP E 86 -30.70 1.51 13.98
CA ASP E 86 -29.49 1.83 13.26
C ASP E 86 -28.65 0.58 13.09
N PHE E 87 -27.80 0.58 12.05
CA PHE E 87 -26.74 -0.42 11.95
C PHE E 87 -25.50 0.19 11.30
N ARG E 88 -24.39 -0.53 11.44
CA ARG E 88 -23.09 -0.15 10.93
C ARG E 88 -22.71 -1.02 9.73
N THR E 89 -22.14 -0.40 8.71
CA THR E 89 -21.67 -1.15 7.56
C THR E 89 -20.34 -0.57 7.11
N SER E 90 -19.50 -1.44 6.55
CA SER E 90 -18.29 -0.98 5.88
C SER E 90 -18.67 -0.09 4.71
N ALA E 91 -18.01 1.07 4.61
CA ALA E 91 -18.30 2.00 3.54
C ALA E 91 -18.10 1.37 2.16
N ALA E 92 -17.29 0.31 2.05
CA ALA E 92 -17.11 -0.40 0.78
C ALA E 92 -18.35 -1.19 0.36
N ASP E 93 -19.29 -1.43 1.27
CA ASP E 93 -20.46 -2.26 1.01
C ASP E 93 -21.68 -1.44 0.59
N ILE E 94 -21.58 -0.11 0.59
CA ILE E 94 -22.66 0.75 0.11
C ILE E 94 -22.05 1.83 -0.76
N TRP E 95 -22.89 2.39 -1.62
CA TRP E 95 -22.50 3.59 -2.35
C TRP E 95 -22.23 4.72 -1.36
N THR E 96 -21.10 5.38 -1.53
CA THR E 96 -20.71 6.60 -0.83
C THR E 96 -20.35 7.67 -1.85
N PRO E 97 -20.55 8.94 -1.54
CA PRO E 97 -20.19 10.00 -2.50
C PRO E 97 -18.68 10.14 -2.63
N ASP E 98 -18.24 10.46 -3.85
CA ASP E 98 -16.82 10.61 -4.19
C ASP E 98 -16.31 12.03 -3.91
N ILE E 99 -16.56 12.53 -2.70
CA ILE E 99 -16.14 13.89 -2.37
C ILE E 99 -14.62 13.99 -2.39
N THR E 100 -14.11 14.95 -3.14
CA THR E 100 -12.69 15.07 -3.41
C THR E 100 -12.25 16.49 -3.11
N ALA E 101 -11.05 16.61 -2.52
CA ALA E 101 -10.41 17.90 -2.37
C ALA E 101 -9.83 18.35 -3.71
N TYR E 102 -10.26 19.51 -4.19
CA TYR E 102 -9.84 19.93 -5.53
C TYR E 102 -8.44 20.53 -5.58
N SER E 103 -7.77 20.72 -4.45
CA SER E 103 -6.43 21.30 -4.55
C SER E 103 -5.47 20.62 -3.59
N SER E 104 -5.64 19.32 -3.39
CA SER E 104 -4.66 18.53 -2.66
C SER E 104 -3.34 18.47 -3.42
N THR E 105 -2.25 18.28 -2.67
CA THR E 105 -0.95 18.05 -3.26
C THR E 105 -0.38 16.69 -2.95
N ARG E 106 -1.08 15.88 -2.14
CA ARG E 106 -0.79 14.50 -1.75
C ARG E 106 -2.11 13.76 -1.63
N PRO E 107 -2.13 12.45 -1.81
CA PRO E 107 -3.36 11.72 -1.52
C PRO E 107 -3.77 11.94 -0.06
N VAL E 108 -5.07 12.20 0.13
CA VAL E 108 -5.58 12.41 1.48
C VAL E 108 -5.39 11.14 2.30
N GLN E 109 -5.08 11.30 3.58
CA GLN E 109 -4.81 10.19 4.49
C GLN E 109 -6.00 10.02 5.44
N VAL E 110 -6.64 8.88 5.38
CA VAL E 110 -7.80 8.62 6.25
C VAL E 110 -7.32 8.29 7.66
N LEU E 111 -7.97 8.88 8.67
CA LEU E 111 -7.58 8.68 10.06
C LEU E 111 -8.59 7.90 10.90
N SER E 112 -9.75 7.53 10.35
CA SER E 112 -10.79 6.87 11.10
C SER E 112 -11.28 5.62 10.39
N PRO E 113 -11.95 4.72 11.09
CA PRO E 113 -12.47 3.51 10.44
C PRO E 113 -13.47 3.87 9.35
N GLN E 114 -13.40 3.14 8.24
CA GLN E 114 -14.22 3.46 7.07
C GLN E 114 -15.56 2.72 7.21
N ILE E 115 -16.38 3.24 8.13
CA ILE E 115 -17.66 2.63 8.48
C ILE E 115 -18.71 3.72 8.50
N ALA E 116 -19.89 3.43 7.94
CA ALA E 116 -21.03 4.32 7.95
C ALA E 116 -22.10 3.81 8.90
N VAL E 117 -23.01 4.70 9.28
CA VAL E 117 -24.15 4.34 10.12
C VAL E 117 -25.43 4.60 9.33
N VAL E 118 -26.25 3.57 9.19
CA VAL E 118 -27.51 3.62 8.44
C VAL E 118 -28.68 3.65 9.42
N THR E 119 -29.60 4.59 9.23
CA THR E 119 -30.73 4.77 10.13
C THR E 119 -32.03 4.43 9.41
N HIS E 120 -33.00 3.90 10.18
CA HIS E 120 -34.18 3.22 9.62
C HIS E 120 -34.96 4.09 8.62
N ASP E 121 -34.89 5.42 8.75
CA ASP E 121 -35.43 6.33 7.73
C ASP E 121 -34.62 6.36 6.45
N GLY E 122 -33.56 5.55 6.34
CA GLY E 122 -32.73 5.51 5.15
C GLY E 122 -31.63 6.54 5.11
N SER E 123 -31.47 7.36 6.15
CA SER E 123 -30.35 8.28 6.17
C SER E 123 -29.07 7.52 6.48
N VAL E 124 -27.97 8.00 5.90
CA VAL E 124 -26.66 7.43 6.10
C VAL E 124 -25.75 8.54 6.59
N MET E 125 -24.93 8.23 7.60
CA MET E 125 -23.99 9.21 8.13
C MET E 125 -22.59 8.65 8.06
N PHE E 126 -21.68 9.38 7.42
CA PHE E 126 -20.32 8.93 7.20
C PHE E 126 -19.41 10.09 7.55
N ILE E 127 -18.49 9.87 8.48
CA ILE E 127 -17.65 10.96 8.99
C ILE E 127 -16.19 10.55 9.00
N PRO E 128 -15.50 10.56 7.85
CA PRO E 128 -14.07 10.24 7.87
C PRO E 128 -13.25 11.38 8.44
N ALA E 129 -12.35 11.06 9.37
CA ALA E 129 -11.31 11.99 9.78
C ALA E 129 -10.14 11.86 8.83
N GLN E 130 -9.56 13.00 8.42
CA GLN E 130 -8.58 12.99 7.34
C GLN E 130 -7.45 13.97 7.61
N ARG E 131 -6.28 13.65 7.05
CA ARG E 131 -5.17 14.59 6.96
C ARG E 131 -4.98 14.97 5.50
N LEU E 132 -4.95 16.28 5.24
CA LEU E 132 -4.89 16.80 3.87
C LEU E 132 -3.72 17.76 3.72
N SER E 133 -2.92 17.56 2.68
CA SER E 133 -1.99 18.57 2.19
C SER E 133 -2.61 19.29 0.99
N PHE E 134 -2.61 20.61 0.99
CA PHE E 134 -3.28 21.32 -0.10
C PHE E 134 -2.57 22.63 -0.39
N MET E 135 -2.83 23.17 -1.59
CA MET E 135 -2.13 24.35 -2.08
C MET E 135 -2.53 25.58 -1.28
N CYS E 136 -1.56 26.19 -0.62
CA CYS E 136 -1.86 27.26 0.32
C CYS E 136 -0.58 28.03 0.60
N ASP E 137 -0.61 29.32 0.36
CA ASP E 137 0.53 30.21 0.64
C ASP E 137 0.39 30.78 2.03
N PRO E 138 1.29 30.45 2.96
CA PRO E 138 1.18 30.93 4.35
C PRO E 138 1.80 32.29 4.65
N THR E 139 2.16 33.12 3.67
CA THR E 139 2.73 34.43 4.02
C THR E 139 1.67 35.28 4.71
N GLY E 140 2.10 35.96 5.77
CA GLY E 140 1.20 36.70 6.61
C GLY E 140 0.88 36.02 7.91
N VAL E 141 1.16 34.71 8.01
CA VAL E 141 0.77 33.91 9.16
C VAL E 141 1.43 34.44 10.43
N ASP E 142 2.60 35.05 10.32
CA ASP E 142 3.31 35.68 11.43
C ASP E 142 2.97 37.16 11.57
N SER E 143 1.69 37.51 11.40
CA SER E 143 1.21 38.87 11.56
C SER E 143 -0.14 38.80 12.27
N GLU E 144 -0.71 39.97 12.58
CA GLU E 144 -1.98 39.94 13.29
C GLU E 144 -3.13 39.51 12.37
N GLU E 145 -3.07 39.90 11.10
CA GLU E 145 -4.11 39.54 10.15
C GLU E 145 -3.95 38.10 9.65
N GLY E 146 -2.77 37.51 9.77
CA GLY E 146 -2.59 36.12 9.43
C GLY E 146 -2.75 35.85 7.95
N ALA E 147 -2.66 34.58 7.59
CA ALA E 147 -2.83 34.15 6.21
C ALA E 147 -4.23 33.61 5.98
N THR E 148 -4.66 33.65 4.73
CA THR E 148 -5.93 33.09 4.31
C THR E 148 -5.70 32.08 3.19
N CYS E 149 -6.32 30.91 3.31
CA CYS E 149 -6.23 29.89 2.27
C CYS E 149 -7.60 29.29 2.06
N ALA E 150 -7.80 28.68 0.89
CA ALA E 150 -9.07 28.07 0.55
C ALA E 150 -8.85 26.71 -0.05
N VAL E 151 -9.76 25.77 0.23
CA VAL E 151 -9.79 24.47 -0.44
C VAL E 151 -11.24 24.07 -0.62
N LYS E 152 -11.59 23.64 -1.82
CA LYS E 152 -12.97 23.32 -2.12
C LYS E 152 -13.14 21.83 -2.25
N PHE E 153 -14.33 21.35 -1.90
CA PHE E 153 -14.62 19.92 -1.86
C PHE E 153 -15.90 19.66 -2.63
N GLY E 154 -15.89 18.59 -3.41
CA GLY E 154 -17.10 18.24 -4.13
C GLY E 154 -16.88 16.94 -4.89
N SER E 155 -17.98 16.40 -5.39
CA SER E 155 -17.89 15.23 -6.25
C SER E 155 -16.90 15.48 -7.40
N TRP E 156 -16.18 14.44 -7.76
CA TRP E 156 -15.26 14.54 -8.88
C TRP E 156 -15.93 14.24 -10.22
N VAL E 157 -16.93 13.36 -10.22
CA VAL E 157 -17.50 12.85 -11.47
C VAL E 157 -19.01 13.03 -11.57
N TYR E 158 -19.67 13.53 -10.53
CA TYR E 158 -21.11 13.72 -10.59
C TYR E 158 -21.39 15.21 -10.66
N SER E 159 -22.24 15.60 -11.61
CA SER E 159 -22.60 17.00 -11.76
C SER E 159 -23.59 17.38 -10.67
N GLY E 160 -23.82 18.69 -10.55
CA GLY E 160 -24.82 19.21 -9.62
C GLY E 160 -26.23 18.74 -9.94
N PHE E 161 -26.44 18.17 -11.13
CA PHE E 161 -27.71 17.57 -11.50
C PHE E 161 -27.88 16.15 -10.97
N GLU E 162 -26.82 15.53 -10.47
CA GLU E 162 -26.88 14.20 -9.87
C GLU E 162 -26.69 14.25 -8.37
N ILE E 163 -25.65 14.94 -7.92
CA ILE E 163 -25.40 15.19 -6.51
C ILE E 163 -25.69 16.65 -6.24
N ASP E 164 -26.64 16.90 -5.36
CA ASP E 164 -26.99 18.23 -4.91
C ASP E 164 -26.28 18.45 -3.58
N LEU E 165 -25.28 19.32 -3.58
CA LEU E 165 -24.45 19.55 -2.41
C LEU E 165 -25.03 20.68 -1.56
N LYS E 166 -25.17 20.43 -0.25
CA LYS E 166 -25.69 21.43 0.67
C LYS E 166 -24.82 21.45 1.93
N THR E 167 -24.93 22.53 2.70
CA THR E 167 -24.40 22.60 4.06
C THR E 167 -25.55 22.87 5.03
N ASP E 168 -25.31 22.54 6.31
CA ASP E 168 -26.25 22.97 7.36
C ASP E 168 -25.96 24.37 7.85
N THR E 169 -24.79 24.92 7.55
CA THR E 169 -24.33 26.16 8.12
C THR E 169 -23.11 26.56 7.34
N ASP E 170 -22.77 27.84 7.40
CA ASP E 170 -21.59 28.32 6.72
C ASP E 170 -20.39 28.40 7.64
N GLN E 171 -20.57 28.09 8.93
CA GLN E 171 -19.50 28.16 9.91
C GLN E 171 -18.90 26.77 10.10
N VAL E 172 -17.57 26.70 10.02
CA VAL E 172 -16.87 25.46 10.29
C VAL E 172 -16.90 25.18 11.78
N ASP E 173 -17.18 23.94 12.14
CA ASP E 173 -17.14 23.61 13.56
C ASP E 173 -15.71 23.73 14.05
N LEU E 174 -15.45 24.71 14.91
CA LEU E 174 -14.15 24.89 15.54
C LEU E 174 -14.13 24.43 17.00
N SER E 175 -15.22 23.82 17.47
CA SER E 175 -15.33 23.49 18.89
C SER E 175 -14.31 22.45 19.34
N SER E 176 -13.77 21.64 18.42
CA SER E 176 -12.72 20.67 18.75
C SER E 176 -11.33 21.12 18.34
N TYR E 177 -11.12 22.38 18.00
CA TYR E 177 -9.84 22.74 17.43
C TYR E 177 -8.74 22.65 18.50
N TYR E 178 -7.63 21.99 18.14
CA TYR E 178 -6.56 21.72 19.10
C TYR E 178 -6.03 23.00 19.72
N ALA E 179 -6.25 23.16 21.02
CA ALA E 179 -5.94 24.41 21.70
C ALA E 179 -4.45 24.73 21.75
N SER E 180 -3.55 23.76 21.60
CA SER E 180 -2.12 24.03 21.59
C SER E 180 -1.51 23.83 20.21
N SER E 181 -2.31 23.93 19.15
CA SER E 181 -1.77 23.95 17.81
C SER E 181 -0.78 25.10 17.68
N LYS E 182 0.16 24.96 16.74
CA LYS E 182 1.02 26.07 16.38
C LYS E 182 0.27 27.22 15.73
N TYR E 183 -0.93 26.98 15.23
CA TYR E 183 -1.70 28.01 14.54
C TYR E 183 -3.06 28.15 15.19
N GLU E 184 -3.51 29.39 15.35
CA GLU E 184 -4.85 29.65 15.84
C GLU E 184 -5.78 30.02 14.67
N ILE E 185 -7.02 29.57 14.76
CA ILE E 185 -8.02 29.84 13.73
C ILE E 185 -8.68 31.18 14.01
N LEU E 186 -8.48 32.15 13.12
CA LEU E 186 -9.21 33.40 13.22
C LEU E 186 -10.63 33.25 12.69
N SER E 187 -10.80 32.47 11.63
CA SER E 187 -12.13 32.24 11.07
C SER E 187 -12.05 31.08 10.09
N ALA E 188 -13.20 30.43 9.89
CA ALA E 188 -13.27 29.30 8.98
C ALA E 188 -14.70 29.20 8.48
N THR E 189 -14.88 29.29 7.16
CA THR E 189 -16.20 29.26 6.56
C THR E 189 -16.31 28.15 5.52
N GLN E 190 -17.55 27.71 5.29
CA GLN E 190 -17.84 26.67 4.31
C GLN E 190 -19.04 27.10 3.49
N THR E 191 -18.88 27.18 2.17
CA THR E 191 -19.86 27.82 1.32
C THR E 191 -20.05 27.01 0.04
N LYS E 192 -21.29 26.75 -0.32
CA LYS E 192 -21.60 26.04 -1.56
C LYS E 192 -21.42 26.97 -2.77
N HIS E 193 -20.91 26.43 -3.88
CA HIS E 193 -20.81 27.18 -5.15
C HIS E 193 -20.94 26.23 -6.32
N ASP E 194 -21.43 26.75 -7.45
CA ASP E 194 -21.52 25.98 -8.69
C ASP E 194 -20.42 26.41 -9.65
N ILE E 195 -19.83 25.44 -10.34
CA ILE E 195 -18.63 25.68 -11.15
C ILE E 195 -18.82 25.07 -12.54
N LYS E 196 -18.47 25.84 -13.56
CA LYS E 196 -18.32 25.31 -14.90
C LYS E 196 -16.85 25.02 -15.15
N TYR E 197 -16.57 23.92 -15.83
CA TYR E 197 -15.23 23.56 -16.28
C TYR E 197 -15.19 23.51 -17.80
N ASN E 198 -13.96 23.59 -18.34
CA ASN E 198 -13.79 23.63 -19.79
C ASN E 198 -14.18 22.31 -20.44
N CYS E 199 -13.91 21.18 -19.77
CA CYS E 199 -14.12 19.85 -20.35
C CYS E 199 -15.57 19.55 -20.62
N CYS E 200 -16.47 20.16 -19.88
CA CYS E 200 -17.74 19.53 -19.64
C CYS E 200 -18.84 20.58 -19.67
N GLU E 201 -19.97 20.21 -20.26
CA GLU E 201 -21.07 21.15 -20.38
C GLU E 201 -21.83 21.28 -19.07
N GLU E 202 -21.86 20.21 -18.27
CA GLU E 202 -22.63 20.16 -17.05
C GLU E 202 -21.93 20.93 -15.93
N ILE E 203 -22.73 21.50 -15.06
CA ILE E 203 -22.24 22.30 -13.93
C ILE E 203 -21.94 21.37 -12.76
N TYR E 204 -20.90 21.70 -11.99
CA TYR E 204 -20.52 20.95 -10.79
C TYR E 204 -20.70 21.84 -9.57
N THR E 205 -20.85 21.20 -8.40
CA THR E 205 -21.10 21.89 -7.14
C THR E 205 -20.05 21.50 -6.12
N ASP E 206 -19.54 22.49 -5.40
CA ASP E 206 -18.52 22.24 -4.40
C ASP E 206 -18.79 23.09 -3.17
N VAL E 207 -18.24 22.65 -2.05
CA VAL E 207 -18.17 23.44 -0.84
C VAL E 207 -16.76 23.97 -0.72
N ASN E 208 -16.63 25.29 -0.61
CA ASN E 208 -15.35 25.95 -0.49
C ASN E 208 -15.09 26.23 0.98
N LEU E 209 -13.96 25.76 1.48
CA LEU E 209 -13.56 25.92 2.87
C LEU E 209 -12.55 27.06 2.89
N VAL E 210 -12.89 28.15 3.59
CA VAL E 210 -12.03 29.34 3.64
C VAL E 210 -11.59 29.52 5.08
N VAL E 211 -10.28 29.55 5.30
CA VAL E 211 -9.73 29.52 6.65
C VAL E 211 -8.67 30.62 6.79
N LYS E 212 -8.84 31.47 7.79
CA LYS E 212 -7.87 32.51 8.12
C LYS E 212 -7.23 32.13 9.45
N PHE E 213 -5.90 32.09 9.47
CA PHE E 213 -5.19 31.49 10.59
C PHE E 213 -3.85 32.22 10.74
N ARG E 214 -3.28 32.11 11.95
CA ARG E 214 -2.01 32.73 12.27
C ARG E 214 -1.34 31.97 13.40
N GLU E 215 -0.03 32.20 13.54
CA GLU E 215 0.76 31.52 14.56
C GLU E 215 0.27 31.83 15.97
C17 6S7 F . -26.71 7.05 14.80
N16 6S7 F . -26.26 8.29 14.21
C21 6S7 F . -17.94 10.17 17.84
C14 6S7 F . -23.85 8.33 13.96
C12 6S7 F . -18.93 8.92 12.69
N11 6S7 F . -19.52 8.19 11.72
C10 6S7 F . -20.83 7.88 11.80
C9 6S7 F . -21.60 8.32 12.89
C8 6S7 F . -21.01 9.09 13.89
C3 6S7 F . -17.10 11.67 15.46
C7 6S7 F . -19.66 9.40 13.79
C4 6S7 F . -17.77 10.83 14.36
C2 6S7 F . -18.11 12.24 16.44
C18 6S7 F . -26.93 9.52 14.56
C15 6S7 F . -25.19 8.36 13.22
O13 6S7 F . -22.93 7.97 12.93
N5 6S7 F . -19.03 10.18 14.77
C6 6S7 F . -19.71 10.33 16.07
C19 6S7 F . -16.11 10.80 16.24
N20 6S7 F . -16.86 9.78 16.95
C1 6S7 F . -18.89 11.11 17.10
C17 6S7 G . -4.53 -16.90 25.80
N16 6S7 G . -4.48 -15.46 26.00
C21 6S7 G . 3.58 -11.59 23.57
C14 6S7 G . -3.36 -13.97 24.49
C12 6S7 G . -1.18 -10.61 21.34
N11 6S7 G . -2.36 -10.95 20.81
C10 6S7 G . -3.17 -11.83 21.43
C9 6S7 G . -2.79 -12.40 22.65
C8 6S7 G . -1.58 -12.07 23.22
C3 6S7 G . 2.19 -9.03 23.34
C7 6S7 G . -0.77 -11.15 22.55
C4 6S7 G . 0.80 -9.36 22.82
C2 6S7 G . 2.41 -9.69 24.70
C18 6S7 G . -4.27 -14.88 27.33
C15 6S7 G . -4.70 -14.57 24.88
O13 6S7 G . -3.64 -13.29 23.25
N5 6S7 G . 0.44 -10.75 23.12
C6 6S7 G . 1.14 -11.71 23.97
C19 6S7 G . 3.22 -9.50 22.32
N20 6S7 G . 3.31 -10.93 22.30
C1 6S7 G . 2.46 -11.20 24.53
C17 6S7 H . 15.84 -26.44 -1.48
N16 6S7 H . 15.93 -25.69 -0.24
C21 6S7 H . 19.15 -17.39 -2.86
C14 6S7 H . 15.40 -23.35 -0.59
C12 6S7 H . 15.06 -18.24 -0.02
N11 6S7 H . 13.85 -18.78 0.15
C10 6S7 H . 13.66 -20.11 0.13
C9 6S7 H . 14.73 -20.99 -0.09
C8 6S7 H . 16.00 -20.46 -0.29
C3 6S7 H . 18.92 -16.59 -0.07
C7 6S7 H . 16.16 -19.07 -0.26
C4 6S7 H . 17.72 -17.37 0.41
C2 6S7 H . 19.99 -17.59 -0.50
C18 6S7 H . 16.99 -25.98 0.73
C15 6S7 H . 14.95 -24.66 0.07
O13 6S7 H . 14.50 -22.34 -0.10
N5 6S7 H . 17.41 -18.52 -0.44
C6 6S7 H . 18.29 -19.19 -1.40
C19 6S7 H . 18.51 -15.65 -1.20
N20 6S7 H . 18.18 -16.42 -2.38
C1 6S7 H . 19.51 -18.36 -1.72
C17 6S7 I . -20.82 13.97 -19.19
N16 6S7 I . -19.38 14.13 -19.26
C21 6S7 I . -15.19 18.35 -12.07
C14 6S7 I . -17.68 13.95 -17.57
C12 6S7 I . -13.88 13.72 -14.19
N11 6S7 I . -14.13 12.48 -14.66
C10 6S7 I . -15.01 12.26 -15.64
C9 6S7 I . -15.71 13.33 -16.22
C8 6S7 I . -15.47 14.62 -15.75
C3 6S7 I . -12.64 17.77 -13.37
C7 6S7 I . -14.55 14.82 -14.72
C4 6S7 I . -12.87 16.41 -14.00
C2 6S7 I . -13.61 18.78 -13.97
C18 6S7 I . -18.76 15.18 -20.05
C15 6S7 I . -18.52 13.17 -18.57
O13 6S7 I . -16.60 13.08 -17.23
N5 6S7 I . -14.28 16.12 -14.26
C6 6S7 I . -15.42 17.03 -14.15
C19 6S7 I . -12.82 17.65 -11.85
N20 6S7 I . -14.21 17.42 -11.56
C1 6S7 I . -15.03 18.40 -13.60
#